data_8B31
#
_entry.id   8B31
#
_cell.length_a   48.086
_cell.length_b   78.593
_cell.length_c   89.788
_cell.angle_alpha   90.000
_cell.angle_beta   93.885
_cell.angle_gamma   90.000
#
_symmetry.space_group_name_H-M   'P 1 21 1'
#
loop_
_entity.id
_entity.type
_entity.pdbx_description
1 polymer 'UTP--glucose-1-phosphate uridylyltransferase'
2 non-polymer DI(HYDROXYETHYL)ETHER
3 non-polymer 1,2-ETHANEDIOL
4 non-polymer 'THIOCYANATE ION'
5 non-polymer 'POTASSIUM ION'
6 water water
#
_entity_poly.entity_id   1
_entity_poly.type   'polypeptide(L)'
_entity_poly.pdbx_seq_one_letter_code
;MTASAEHQTFTTAIVPAAGLGTRFLPTTKSVPKELLPVVDTPAIELVADEARQAGAERLVIVTSPAKQSIAAYFRPAPEL
ERSLEEKGKTGQLAKIRRAPELLEVEVAIQEQALGLGHAVA(CSX)AEPNLGPEDDVVAVLLPDDLVLPHGILERMAKVR
AEHGGSVLCAFDIPKEEISAYGVFDVSDTDDADVKRVHGMVEKPPAEQAPSTFAAAGRYLLDRAIFDALRRIEPGAGGEL
QLTDAVALLIQEGHPVHVVVHRGDRHDLGNPGGFLRAAVDFALQDPDYGPELRAWLTDRIARP
;
_entity_poly.pdbx_strand_id   A,B
#
loop_
_chem_comp.id
_chem_comp.type
_chem_comp.name
_chem_comp.formula
EDO non-polymer 1,2-ETHANEDIOL 'C2 H6 O2'
K non-polymer 'POTASSIUM ION' 'K 1'
PEG non-polymer DI(HYDROXYETHYL)ETHER 'C4 H10 O3'
SCN non-polymer 'THIOCYANATE ION' 'C N S -1'
#
# COMPACT_ATOMS: atom_id res chain seq x y z
N THR A 9 -8.34 -27.75 -20.07
CA THR A 9 -7.36 -26.63 -19.99
C THR A 9 -6.49 -26.82 -18.75
N PHE A 10 -5.56 -25.88 -18.52
CA PHE A 10 -4.71 -25.83 -17.33
C PHE A 10 -5.54 -25.74 -16.05
N THR A 11 -5.00 -26.27 -14.96
CA THR A 11 -5.64 -26.17 -13.65
C THR A 11 -4.77 -25.45 -12.63
N THR A 12 -3.46 -25.31 -12.89
CA THR A 12 -2.54 -24.71 -11.93
C THR A 12 -1.99 -23.39 -12.50
N ALA A 13 -2.10 -22.30 -11.73
CA ALA A 13 -1.49 -21.02 -12.09
C ALA A 13 -0.33 -20.72 -11.13
N ILE A 14 0.78 -20.22 -11.66
CA ILE A 14 1.95 -19.86 -10.87
C ILE A 14 2.04 -18.34 -10.83
N VAL A 15 2.25 -17.79 -9.63
CA VAL A 15 2.50 -16.36 -9.48
C VAL A 15 3.89 -16.19 -8.90
N PRO A 16 4.89 -15.72 -9.69
CA PRO A 16 6.24 -15.45 -9.17
C PRO A 16 6.20 -14.15 -8.36
N ALA A 17 6.53 -14.24 -7.06
CA ALA A 17 6.38 -13.12 -6.12
C ALA A 17 7.60 -13.03 -5.21
N ALA A 18 8.78 -13.35 -5.76
CA ALA A 18 10.01 -13.48 -5.01
C ALA A 18 10.75 -12.15 -4.86
N GLY A 19 10.57 -11.25 -5.82
CA GLY A 19 11.30 -9.99 -5.86
C GLY A 19 10.79 -9.00 -4.79
N LEU A 20 11.72 -8.24 -4.23
CA LEU A 20 11.44 -7.24 -3.21
C LEU A 20 10.48 -6.16 -3.69
N GLY A 21 10.71 -5.62 -4.90
CA GLY A 21 10.01 -4.42 -5.32
C GLY A 21 10.79 -3.20 -4.86
N THR A 22 12.05 -3.09 -5.33
CA THR A 22 12.97 -2.07 -4.88
C THR A 22 12.45 -0.65 -5.18
N ARG A 23 11.58 -0.48 -6.22
CA ARG A 23 11.02 0.83 -6.54
C ARG A 23 10.03 1.32 -5.47
N PHE A 24 9.54 0.42 -4.60
CA PHE A 24 8.66 0.80 -3.52
C PHE A 24 9.36 0.83 -2.15
N LEU A 25 10.71 0.90 -2.13
CA LEU A 25 11.40 1.11 -0.88
C LEU A 25 11.15 2.54 -0.39
N PRO A 26 11.08 2.81 0.93
CA PRO A 26 11.29 1.81 2.00
C PRO A 26 10.14 0.82 2.36
N THR A 27 8.93 1.05 1.89
CA THR A 27 7.77 0.27 2.31
C THR A 27 7.98 -1.24 2.15
N THR A 28 8.50 -1.66 0.99
CA THR A 28 8.73 -3.07 0.71
C THR A 28 9.84 -3.70 1.53
N LYS A 29 10.61 -2.94 2.32
CA LYS A 29 11.43 -3.53 3.37
C LYS A 29 10.57 -4.41 4.28
N SER A 30 9.31 -4.00 4.55
CA SER A 30 8.43 -4.67 5.51
C SER A 30 7.17 -5.26 4.90
N VAL A 31 6.63 -4.66 3.82
CA VAL A 31 5.35 -5.07 3.28
C VAL A 31 5.65 -5.81 1.97
N PRO A 32 5.16 -7.05 1.77
CA PRO A 32 5.21 -7.67 0.43
C PRO A 32 4.65 -6.78 -0.67
N LYS A 33 5.43 -6.57 -1.77
CA LYS A 33 4.94 -5.80 -2.89
C LYS A 33 3.54 -6.20 -3.37
N GLU A 34 3.26 -7.51 -3.37
CA GLU A 34 2.05 -8.07 -3.94
C GLU A 34 0.84 -7.85 -3.04
N LEU A 35 1.06 -7.38 -1.80
CA LEU A 35 -0.03 -7.02 -0.90
C LEU A 35 -0.35 -5.53 -0.83
N LEU A 36 0.34 -4.72 -1.64
CA LEU A 36 0.06 -3.30 -1.67
C LEU A 36 -1.31 -3.08 -2.30
N PRO A 37 -2.14 -2.17 -1.74
CA PRO A 37 -3.53 -1.98 -2.20
C PRO A 37 -3.62 -1.14 -3.46
N VAL A 38 -4.42 -1.64 -4.42
CA VAL A 38 -4.92 -0.85 -5.53
C VAL A 38 -6.30 -0.37 -5.12
N VAL A 39 -6.34 0.89 -4.64
CA VAL A 39 -7.48 1.46 -3.91
C VAL A 39 -7.59 0.76 -2.55
N ASP A 40 -8.19 -0.44 -2.52
CA ASP A 40 -8.37 -1.19 -1.27
C ASP A 40 -7.99 -2.67 -1.39
N THR A 41 -7.48 -3.11 -2.55
CA THR A 41 -7.41 -4.53 -2.87
C THR A 41 -6.00 -4.86 -3.37
N PRO A 42 -5.31 -5.88 -2.80
CA PRO A 42 -3.94 -6.20 -3.20
C PRO A 42 -3.89 -6.87 -4.57
N ALA A 43 -2.80 -6.59 -5.32
CA ALA A 43 -2.62 -7.14 -6.67
C ALA A 43 -2.63 -8.65 -6.63
N ILE A 44 -2.17 -9.27 -5.53
CA ILE A 44 -2.16 -10.71 -5.47
C ILE A 44 -3.61 -11.22 -5.60
N GLU A 45 -4.58 -10.47 -5.05
CA GLU A 45 -5.98 -10.87 -5.17
C GLU A 45 -6.44 -10.67 -6.61
N LEU A 46 -6.02 -9.57 -7.25
CA LEU A 46 -6.44 -9.25 -8.62
C LEU A 46 -5.96 -10.33 -9.59
N VAL A 47 -4.71 -10.79 -9.45
CA VAL A 47 -4.22 -11.83 -10.34
C VAL A 47 -4.80 -13.20 -9.97
N ALA A 48 -5.05 -13.49 -8.69
CA ALA A 48 -5.68 -14.74 -8.27
C ALA A 48 -7.07 -14.84 -8.89
N ASP A 49 -7.80 -13.70 -8.92
CA ASP A 49 -9.15 -13.68 -9.46
C ASP A 49 -9.16 -13.93 -10.99
N GLU A 50 -8.23 -13.29 -11.69
CA GLU A 50 -7.99 -13.51 -13.12
C GLU A 50 -7.76 -14.98 -13.44
N ALA A 51 -6.84 -15.59 -12.68
CA ALA A 51 -6.50 -17.01 -12.82
C ALA A 51 -7.72 -17.90 -12.62
N ARG A 52 -8.47 -17.66 -11.53
CA ARG A 52 -9.67 -18.42 -11.25
C ARG A 52 -10.67 -18.30 -12.40
N GLN A 53 -10.89 -17.09 -12.86
CA GLN A 53 -11.89 -16.85 -13.90
C GLN A 53 -11.49 -17.56 -15.21
N ALA A 54 -10.17 -17.74 -15.48
CA ALA A 54 -9.66 -18.53 -16.60
C ALA A 54 -9.66 -20.05 -16.33
N GLY A 55 -10.12 -20.50 -15.15
CA GLY A 55 -10.33 -21.90 -14.83
C GLY A 55 -9.22 -22.55 -14.02
N ALA A 56 -8.28 -21.77 -13.45
CA ALA A 56 -7.35 -22.27 -12.47
C ALA A 56 -8.14 -22.80 -11.28
N GLU A 57 -7.74 -23.98 -10.79
CA GLU A 57 -8.21 -24.58 -9.56
C GLU A 57 -7.20 -24.37 -8.43
N ARG A 58 -5.92 -24.12 -8.78
CA ARG A 58 -4.81 -24.08 -7.83
C ARG A 58 -3.93 -22.87 -8.17
N LEU A 59 -3.37 -22.24 -7.14
CA LEU A 59 -2.42 -21.14 -7.30
C LEU A 59 -1.17 -21.49 -6.51
N VAL A 60 -0.02 -21.46 -7.20
CA VAL A 60 1.25 -21.72 -6.55
C VAL A 60 1.97 -20.37 -6.53
N ILE A 61 2.09 -19.80 -5.32
CA ILE A 61 2.75 -18.51 -5.17
C ILE A 61 4.20 -18.83 -4.83
N VAL A 62 5.15 -18.30 -5.62
CA VAL A 62 6.56 -18.47 -5.34
C VAL A 62 7.06 -17.21 -4.64
N THR A 63 7.52 -17.36 -3.38
CA THR A 63 8.01 -16.19 -2.68
C THR A 63 9.18 -16.54 -1.76
N SER A 64 9.68 -15.47 -1.13
CA SER A 64 10.76 -15.56 -0.19
C SER A 64 10.22 -15.87 1.21
N PRO A 65 11.06 -16.39 2.15
CA PRO A 65 10.60 -16.68 3.51
C PRO A 65 10.03 -15.46 4.26
N ALA A 66 10.51 -14.24 3.95
CA ALA A 66 10.02 -13.00 4.55
C ALA A 66 8.61 -12.61 4.12
N LYS A 67 8.12 -13.15 2.98
CA LYS A 67 6.87 -12.72 2.36
C LYS A 67 5.74 -13.75 2.54
N GLN A 68 5.85 -14.59 3.56
CA GLN A 68 4.84 -15.63 3.82
C GLN A 68 3.49 -15.06 4.27
N SER A 69 3.41 -13.83 4.80
CA SER A 69 2.15 -13.13 5.00
C SER A 69 1.22 -13.20 3.79
N ILE A 70 1.78 -13.31 2.57
CA ILE A 70 0.98 -13.53 1.37
C ILE A 70 0.07 -14.76 1.57
N ALA A 71 0.60 -15.86 2.14
CA ALA A 71 -0.14 -17.09 2.36
C ALA A 71 -1.34 -16.86 3.28
N ALA A 72 -1.11 -16.20 4.43
CA ALA A 72 -2.14 -15.90 5.41
C ALA A 72 -3.29 -15.09 4.78
N TYR A 73 -3.00 -14.28 3.73
CA TYR A 73 -4.03 -13.51 3.04
C TYR A 73 -5.14 -14.41 2.47
N PHE A 74 -4.76 -15.62 1.99
CA PHE A 74 -5.69 -16.51 1.33
C PHE A 74 -6.38 -17.47 2.32
N ARG A 75 -6.13 -17.33 3.62
CA ARG A 75 -6.75 -18.21 4.60
C ARG A 75 -7.93 -17.45 5.22
N PRO A 76 -9.00 -18.14 5.69
CA PRO A 76 -10.12 -17.42 6.29
C PRO A 76 -9.64 -16.65 7.52
N ALA A 77 -10.38 -15.60 7.87
CA ALA A 77 -10.14 -14.80 9.06
C ALA A 77 -11.40 -14.85 9.92
N PRO A 78 -11.72 -15.98 10.60
CA PRO A 78 -12.93 -16.13 11.43
C PRO A 78 -13.36 -15.01 12.37
N GLU A 79 -12.46 -14.41 13.18
CA GLU A 79 -12.79 -13.36 14.16
C GLU A 79 -13.18 -12.05 13.48
N LEU A 80 -12.35 -11.68 12.49
CA LEU A 80 -12.61 -10.51 11.67
C LEU A 80 -13.96 -10.68 10.98
N GLU A 81 -14.22 -11.84 10.37
CA GLU A 81 -15.50 -12.10 9.70
C GLU A 81 -16.66 -11.95 10.69
N ARG A 82 -16.51 -12.56 11.88
CA ARG A 82 -17.57 -12.52 12.88
C ARG A 82 -17.82 -11.08 13.31
N SER A 83 -16.74 -10.33 13.53
CA SER A 83 -16.83 -8.92 13.87
C SER A 83 -17.55 -8.10 12.80
N LEU A 84 -17.20 -8.26 11.51
CA LEU A 84 -17.85 -7.50 10.44
C LEU A 84 -19.34 -7.84 10.39
N GLU A 85 -19.66 -9.13 10.51
CA GLU A 85 -21.04 -9.58 10.43
C GLU A 85 -21.86 -8.96 11.57
N GLU A 86 -21.27 -8.84 12.76
CA GLU A 86 -21.94 -8.27 13.92
C GLU A 86 -22.16 -6.76 13.74
N LYS A 87 -21.31 -6.09 12.96
CA LYS A 87 -21.48 -4.67 12.66
C LYS A 87 -22.38 -4.43 11.43
N GLY A 88 -22.88 -5.49 10.77
CA GLY A 88 -23.66 -5.34 9.55
C GLY A 88 -22.83 -4.81 8.38
N LYS A 89 -21.50 -4.99 8.40
CA LYS A 89 -20.64 -4.60 7.30
C LYS A 89 -20.62 -5.72 6.26
N THR A 90 -21.78 -5.96 5.61
CA THR A 90 -21.92 -7.05 4.66
C THR A 90 -21.01 -6.84 3.44
N GLY A 91 -20.82 -5.58 3.02
CA GLY A 91 -19.94 -5.34 1.89
C GLY A 91 -18.46 -5.66 2.20
N GLN A 92 -18.02 -5.23 3.38
CA GLN A 92 -16.62 -5.42 3.79
C GLN A 92 -16.41 -6.92 4.01
N LEU A 93 -17.45 -7.60 4.53
CA LEU A 93 -17.41 -9.01 4.81
C LEU A 93 -17.24 -9.82 3.53
N ALA A 94 -18.05 -9.55 2.48
CA ALA A 94 -17.89 -10.18 1.19
C ALA A 94 -16.49 -9.94 0.63
N LYS A 95 -15.98 -8.72 0.85
CA LYS A 95 -14.69 -8.35 0.31
C LYS A 95 -13.56 -9.17 0.95
N ILE A 96 -13.64 -9.48 2.23
CA ILE A 96 -12.63 -10.32 2.88
C ILE A 96 -12.80 -11.81 2.59
N ARG A 97 -14.04 -12.28 2.34
CA ARG A 97 -14.31 -13.67 2.02
C ARG A 97 -13.85 -14.01 0.60
N ARG A 98 -13.66 -13.02 -0.28
CA ARG A 98 -13.45 -13.30 -1.70
C ARG A 98 -12.18 -14.12 -1.97
N ALA A 99 -11.02 -13.64 -1.50
CA ALA A 99 -9.74 -14.24 -1.85
C ALA A 99 -9.68 -15.67 -1.34
N PRO A 100 -10.00 -15.99 -0.05
CA PRO A 100 -9.92 -17.37 0.45
C PRO A 100 -10.80 -18.41 -0.28
N GLU A 101 -11.87 -17.95 -0.92
CA GLU A 101 -12.81 -18.80 -1.63
C GLU A 101 -12.48 -18.95 -3.11
N LEU A 102 -11.43 -18.30 -3.63
CA LEU A 102 -11.16 -18.33 -5.05
C LEU A 102 -10.65 -19.69 -5.48
N LEU A 103 -9.62 -20.23 -4.79
CA LEU A 103 -8.99 -21.48 -5.24
C LEU A 103 -8.05 -22.04 -4.16
N GLU A 104 -7.45 -23.20 -4.44
CA GLU A 104 -6.49 -23.82 -3.54
C GLU A 104 -5.12 -23.16 -3.74
N VAL A 105 -4.54 -22.62 -2.66
CA VAL A 105 -3.33 -21.81 -2.71
C VAL A 105 -2.23 -22.60 -2.01
N GLU A 106 -1.07 -22.70 -2.66
CA GLU A 106 0.14 -23.27 -2.08
C GLU A 106 1.24 -22.23 -2.22
N VAL A 107 2.24 -22.27 -1.32
CA VAL A 107 3.38 -21.37 -1.38
C VAL A 107 4.65 -22.20 -1.59
N ALA A 108 5.42 -21.92 -2.66
CA ALA A 108 6.75 -22.46 -2.86
C ALA A 108 7.79 -21.44 -2.38
N ILE A 109 8.50 -21.76 -1.30
CA ILE A 109 9.41 -20.85 -0.63
C ILE A 109 10.77 -20.96 -1.32
N GLN A 110 11.27 -19.82 -1.80
CA GLN A 110 12.55 -19.72 -2.48
C GLN A 110 13.48 -18.82 -1.64
N GLU A 111 14.59 -19.40 -1.15
CA GLU A 111 15.46 -18.75 -0.18
C GLU A 111 16.02 -17.43 -0.69
N GLN A 112 16.43 -17.38 -1.97
CA GLN A 112 16.95 -16.17 -2.60
C GLN A 112 16.17 -15.82 -3.86
N ALA A 113 15.85 -14.53 -4.04
CA ALA A 113 15.20 -14.04 -5.25
C ALA A 113 16.26 -13.93 -6.36
N LEU A 114 16.26 -14.92 -7.25
CA LEU A 114 17.27 -15.03 -8.29
C LEU A 114 16.62 -14.83 -9.66
N GLY A 115 15.49 -14.10 -9.74
CA GLY A 115 14.85 -13.79 -11.01
C GLY A 115 13.72 -14.75 -11.40
N LEU A 116 13.05 -14.40 -12.50
CA LEU A 116 11.77 -14.98 -12.87
C LEU A 116 11.92 -16.45 -13.26
N GLY A 117 12.91 -16.75 -14.11
CA GLY A 117 13.13 -18.13 -14.54
C GLY A 117 13.32 -19.06 -13.35
N HIS A 118 14.15 -18.64 -12.37
CA HIS A 118 14.37 -19.40 -11.16
C HIS A 118 13.06 -19.55 -10.35
N ALA A 119 12.27 -18.46 -10.25
CA ALA A 119 11.00 -18.49 -9.52
C ALA A 119 10.03 -19.52 -10.12
N VAL A 120 9.95 -19.58 -11.47
CA VAL A 120 9.08 -20.56 -12.14
C VAL A 120 9.60 -21.98 -11.89
N ALA A 121 10.92 -22.20 -12.04
CA ALA A 121 11.54 -23.49 -11.74
C ALA A 121 11.19 -24.00 -10.33
N CSX A 122 11.17 -23.11 -9.31
CA CSX A 122 10.91 -23.52 -7.94
CA CSX A 122 10.91 -23.51 -7.93
CB CSX A 122 11.38 -22.44 -6.93
CB CSX A 122 11.28 -22.42 -6.91
SG CSX A 122 13.15 -22.65 -6.54
SG CSX A 122 13.04 -22.47 -6.46
C CSX A 122 9.46 -23.94 -7.74
O CSX A 122 9.13 -24.52 -6.71
OD CSX A 122 13.86 -22.99 -7.83
OD CSX A 122 13.41 -23.93 -6.34
H CSX A 122 11.33 -22.23 -9.50
HA CSX A 122 11.48 -24.32 -7.77
HA CSX A 122 11.48 -24.29 -7.74
HB2 CSX A 122 11.22 -21.56 -7.31
HB2 CSX A 122 11.07 -21.54 -7.29
HB3 CSX A 122 10.86 -22.53 -6.11
HB3 CSX A 122 10.75 -22.54 -6.10
HG CSX A 122 13.41 -21.49 -6.17
HG CSX A 122 13.52 -22.03 -7.53
N ALA A 123 8.55 -23.61 -8.67
CA ALA A 123 7.18 -24.11 -8.60
C ALA A 123 7.06 -25.60 -9.00
N GLU A 124 8.06 -26.20 -9.69
CA GLU A 124 7.93 -27.54 -10.26
C GLU A 124 7.55 -28.61 -9.23
N PRO A 125 8.13 -28.67 -8.00
CA PRO A 125 7.71 -29.67 -7.01
C PRO A 125 6.22 -29.63 -6.62
N ASN A 126 5.53 -28.51 -6.90
CA ASN A 126 4.13 -28.31 -6.59
C ASN A 126 3.22 -28.85 -7.69
N LEU A 127 3.79 -29.27 -8.84
CA LEU A 127 2.98 -29.73 -9.95
C LEU A 127 2.76 -31.23 -9.81
N GLY A 128 1.71 -31.70 -10.47
CA GLY A 128 1.31 -33.09 -10.48
C GLY A 128 1.14 -33.65 -11.90
N PRO A 129 0.74 -34.94 -12.02
CA PRO A 129 0.54 -35.60 -13.33
C PRO A 129 -0.46 -34.92 -14.27
N GLU A 130 -1.41 -34.12 -13.71
CA GLU A 130 -2.43 -33.46 -14.51
CA GLU A 130 -2.45 -33.44 -14.48
C GLU A 130 -1.90 -32.14 -15.07
N ASP A 131 -0.74 -31.66 -14.58
CA ASP A 131 -0.23 -30.36 -15.00
C ASP A 131 0.65 -30.48 -16.26
N ASP A 132 0.02 -30.63 -17.44
CA ASP A 132 0.74 -30.65 -18.71
C ASP A 132 1.11 -29.24 -19.14
N VAL A 133 0.26 -28.26 -18.78
CA VAL A 133 0.49 -26.86 -19.00
CA VAL A 133 0.44 -26.85 -19.02
C VAL A 133 0.20 -26.13 -17.69
N VAL A 134 1.00 -25.11 -17.41
CA VAL A 134 0.78 -24.21 -16.29
C VAL A 134 0.62 -22.78 -16.78
N ALA A 135 -0.34 -22.05 -16.18
CA ALA A 135 -0.39 -20.61 -16.36
C ALA A 135 0.65 -19.91 -15.47
N VAL A 136 1.22 -18.81 -15.97
CA VAL A 136 2.06 -17.93 -15.18
C VAL A 136 1.50 -16.53 -15.31
N LEU A 137 1.26 -15.85 -14.17
CA LEU A 137 0.81 -14.47 -14.15
C LEU A 137 1.81 -13.63 -13.37
N LEU A 138 2.42 -12.64 -14.02
CA LEU A 138 3.27 -11.70 -13.31
C LEU A 138 2.37 -10.66 -12.63
N PRO A 139 2.45 -10.53 -11.30
CA PRO A 139 1.58 -9.63 -10.55
C PRO A 139 1.77 -8.13 -10.71
N ASP A 140 2.87 -7.68 -11.32
CA ASP A 140 2.99 -6.27 -11.66
C ASP A 140 2.23 -5.90 -12.94
N ASP A 141 1.78 -6.90 -13.72
CA ASP A 141 1.02 -6.61 -14.93
C ASP A 141 -0.45 -6.86 -14.63
N LEU A 142 -1.31 -5.87 -14.88
CA LEU A 142 -2.75 -6.05 -14.86
C LEU A 142 -3.21 -6.01 -16.30
N VAL A 143 -3.89 -7.07 -16.73
CA VAL A 143 -4.31 -7.21 -18.12
C VAL A 143 -5.83 -7.24 -18.10
N LEU A 144 -6.44 -6.24 -18.77
CA LEU A 144 -7.84 -5.96 -18.54
C LEU A 144 -8.60 -5.90 -19.86
N PRO A 145 -9.86 -6.39 -19.93
CA PRO A 145 -10.51 -7.09 -18.82
C PRO A 145 -9.94 -8.50 -18.66
N HIS A 146 -10.44 -9.28 -17.70
CA HIS A 146 -10.07 -10.70 -17.62
C HIS A 146 -10.32 -11.43 -18.94
N GLY A 147 -9.46 -12.40 -19.18
CA GLY A 147 -9.70 -13.42 -20.18
C GLY A 147 -8.53 -13.71 -21.12
N ILE A 148 -7.39 -13.00 -21.00
CA ILE A 148 -6.26 -13.26 -21.89
C ILE A 148 -5.87 -14.72 -21.82
N LEU A 149 -5.91 -15.34 -20.63
CA LEU A 149 -5.46 -16.72 -20.50
C LEU A 149 -6.38 -17.72 -21.20
N GLU A 150 -7.67 -17.37 -21.32
CA GLU A 150 -8.64 -18.12 -22.09
C GLU A 150 -8.31 -18.07 -23.58
N ARG A 151 -7.93 -16.90 -24.08
CA ARG A 151 -7.53 -16.80 -25.48
C ARG A 151 -6.27 -17.62 -25.69
N MET A 152 -5.30 -17.51 -24.77
CA MET A 152 -4.10 -18.29 -24.89
C MET A 152 -4.38 -19.78 -24.86
N ALA A 153 -5.37 -20.23 -24.05
CA ALA A 153 -5.78 -21.64 -24.03
C ALA A 153 -6.30 -22.15 -25.37
N LYS A 154 -7.07 -21.32 -26.10
CA LYS A 154 -7.54 -21.62 -27.45
C LYS A 154 -6.34 -21.90 -28.37
N VAL A 155 -5.30 -21.08 -28.24
CA VAL A 155 -4.07 -21.27 -29.01
C VAL A 155 -3.37 -22.58 -28.64
N ARG A 156 -3.22 -22.88 -27.34
CA ARG A 156 -2.64 -24.15 -26.90
C ARG A 156 -3.43 -25.34 -27.46
N ALA A 157 -4.77 -25.25 -27.40
CA ALA A 157 -5.61 -26.32 -27.92
C ALA A 157 -5.35 -26.56 -29.42
N GLU A 158 -5.17 -25.51 -30.23
CA GLU A 158 -4.99 -25.66 -31.68
C GLU A 158 -3.57 -26.13 -32.03
N HIS A 159 -2.54 -25.51 -31.42
CA HIS A 159 -1.15 -25.66 -31.85
C HIS A 159 -0.27 -26.51 -30.94
N GLY A 160 -0.78 -26.90 -29.75
CA GLY A 160 0.06 -27.44 -28.71
C GLY A 160 1.13 -26.45 -28.23
N GLY A 161 2.14 -26.98 -27.51
CA GLY A 161 3.29 -26.19 -27.12
C GLY A 161 2.94 -25.10 -26.09
N SER A 162 3.61 -23.96 -26.18
CA SER A 162 3.53 -22.92 -25.17
C SER A 162 2.97 -21.63 -25.78
N VAL A 163 2.41 -20.79 -24.90
CA VAL A 163 1.78 -19.58 -25.37
C VAL A 163 2.25 -18.38 -24.56
N LEU A 164 2.64 -17.30 -25.27
CA LEU A 164 3.05 -16.04 -24.63
C LEU A 164 1.95 -15.00 -24.87
N CYS A 165 2.19 -13.81 -24.27
CA CYS A 165 1.31 -12.67 -24.40
C CYS A 165 2.11 -11.44 -24.83
N ALA A 166 1.50 -10.60 -25.66
CA ALA A 166 2.09 -9.35 -26.10
C ALA A 166 1.07 -8.23 -25.97
N PHE A 167 1.62 -7.04 -25.69
CA PHE A 167 0.95 -5.80 -25.97
C PHE A 167 1.38 -5.26 -27.33
N ASP A 168 0.46 -4.54 -28.00
CA ASP A 168 0.76 -3.96 -29.30
C ASP A 168 1.24 -2.53 -29.03
N ILE A 169 2.54 -2.27 -29.20
CA ILE A 169 3.15 -1.01 -28.81
C ILE A 169 3.92 -0.42 -29.99
N PRO A 170 3.70 0.87 -30.34
CA PRO A 170 4.45 1.50 -31.43
C PRO A 170 5.96 1.36 -31.25
N LYS A 171 6.71 1.16 -32.34
CA LYS A 171 8.14 0.89 -32.30
C LYS A 171 8.91 2.02 -31.58
N GLU A 172 8.43 3.26 -31.68
CA GLU A 172 9.06 4.40 -31.02
C GLU A 172 8.77 4.44 -29.52
N GLU A 173 7.89 3.56 -28.97
CA GLU A 173 7.60 3.53 -27.54
C GLU A 173 7.97 2.17 -26.94
N ILE A 174 8.71 1.32 -27.67
CA ILE A 174 8.78 -0.11 -27.32
C ILE A 174 10.12 -0.49 -26.70
N SER A 175 11.08 0.46 -26.59
CA SER A 175 12.46 0.12 -26.33
C SER A 175 12.71 -0.33 -24.89
N ALA A 176 11.75 -0.12 -23.97
CA ALA A 176 11.81 -0.70 -22.63
C ALA A 176 11.43 -2.17 -22.57
N TYR A 177 10.94 -2.78 -23.69
CA TYR A 177 10.37 -4.13 -23.67
C TYR A 177 11.25 -5.14 -24.40
N GLY A 178 11.05 -6.42 -24.06
CA GLY A 178 11.33 -7.50 -24.99
C GLY A 178 10.32 -7.46 -26.13
N VAL A 179 10.79 -7.69 -27.35
CA VAL A 179 9.99 -7.53 -28.58
C VAL A 179 10.12 -8.81 -29.34
N PHE A 180 8.98 -9.43 -29.68
CA PHE A 180 8.95 -10.68 -30.42
C PHE A 180 9.28 -10.51 -31.92
N ASP A 181 10.05 -11.49 -32.42
CA ASP A 181 10.18 -11.79 -33.84
C ASP A 181 9.18 -12.88 -34.18
N VAL A 182 8.29 -12.59 -35.14
CA VAL A 182 7.09 -13.40 -35.32
C VAL A 182 6.84 -13.75 -36.79
N SER A 183 5.93 -14.71 -36.98
CA SER A 183 5.26 -14.94 -38.24
C SER A 183 3.75 -15.04 -38.03
N ASP A 184 3.03 -14.74 -39.10
CA ASP A 184 1.57 -14.66 -39.07
C ASP A 184 0.94 -16.05 -38.94
N THR A 185 -0.30 -16.06 -38.41
CA THR A 185 -1.18 -17.21 -38.47
C THR A 185 -2.47 -16.76 -39.14
N ASP A 186 -3.49 -17.62 -39.13
CA ASP A 186 -4.81 -17.28 -39.64
C ASP A 186 -5.57 -16.32 -38.71
N ASP A 187 -5.11 -16.10 -37.46
CA ASP A 187 -5.73 -15.14 -36.57
C ASP A 187 -4.80 -13.92 -36.42
N ALA A 188 -5.37 -12.73 -36.65
CA ALA A 188 -4.63 -11.48 -36.57
C ALA A 188 -3.98 -11.23 -35.19
N ASP A 189 -4.54 -11.82 -34.12
CA ASP A 189 -4.04 -11.64 -32.77
C ASP A 189 -3.14 -12.79 -32.32
N VAL A 190 -2.79 -13.72 -33.21
CA VAL A 190 -1.99 -14.85 -32.81
C VAL A 190 -0.82 -14.90 -33.77
N LYS A 191 0.41 -14.89 -33.21
CA LYS A 191 1.62 -15.04 -34.02
C LYS A 191 2.41 -16.24 -33.53
N ARG A 192 3.20 -16.82 -34.45
CA ARG A 192 4.19 -17.79 -34.08
C ARG A 192 5.41 -17.01 -33.66
N VAL A 193 6.04 -17.40 -32.56
CA VAL A 193 7.20 -16.71 -32.01
C VAL A 193 8.45 -17.42 -32.59
N HIS A 194 9.33 -16.65 -33.25
CA HIS A 194 10.63 -17.08 -33.74
C HIS A 194 11.75 -16.74 -32.76
N GLY A 195 11.60 -15.65 -31.99
CA GLY A 195 12.62 -15.20 -31.06
C GLY A 195 12.16 -13.93 -30.35
N MET A 196 13.05 -13.41 -29.51
CA MET A 196 12.79 -12.16 -28.82
CA MET A 196 12.79 -12.17 -28.77
C MET A 196 14.07 -11.35 -28.79
N VAL A 197 13.91 -10.01 -28.94
CA VAL A 197 14.99 -9.03 -28.85
C VAL A 197 14.71 -8.20 -27.59
N GLU A 198 15.72 -8.06 -26.75
CA GLU A 198 15.58 -7.33 -25.49
C GLU A 198 15.87 -5.86 -25.76
N LYS A 199 14.88 -5.00 -25.47
CA LYS A 199 15.07 -3.55 -25.49
C LYS A 199 15.66 -3.02 -26.78
N PRO A 200 15.06 -3.34 -27.95
CA PRO A 200 15.54 -2.84 -29.22
C PRO A 200 15.27 -1.35 -29.38
N PRO A 201 16.23 -0.57 -29.94
CA PRO A 201 15.91 0.73 -30.52
C PRO A 201 14.82 0.55 -31.58
N ALA A 202 13.97 1.57 -31.77
CA ALA A 202 12.83 1.52 -32.67
C ALA A 202 13.18 0.93 -34.04
N GLU A 203 14.28 1.40 -34.67
CA GLU A 203 14.69 0.92 -35.98
C GLU A 203 15.12 -0.56 -35.98
N GLN A 204 15.45 -1.17 -34.82
CA GLN A 204 15.84 -2.58 -34.73
C GLN A 204 14.70 -3.46 -34.18
N ALA A 205 13.54 -2.88 -33.87
CA ALA A 205 12.45 -3.65 -33.28
C ALA A 205 11.86 -4.57 -34.35
N PRO A 206 11.80 -5.90 -34.13
CA PRO A 206 11.34 -6.84 -35.16
C PRO A 206 9.83 -6.82 -35.35
N SER A 207 9.09 -6.13 -34.48
CA SER A 207 7.64 -6.11 -34.48
C SER A 207 7.13 -5.03 -33.54
N THR A 208 5.80 -4.85 -33.43
CA THR A 208 5.18 -4.00 -32.45
C THR A 208 4.71 -4.84 -31.27
N PHE A 209 5.20 -6.09 -31.17
CA PHE A 209 4.65 -6.99 -30.15
C PHE A 209 5.57 -7.10 -28.95
N ALA A 210 5.20 -6.44 -27.82
CA ALA A 210 6.00 -6.35 -26.61
C ALA A 210 5.58 -7.45 -25.63
N ALA A 211 6.55 -8.22 -25.14
CA ALA A 211 6.31 -9.26 -24.13
C ALA A 211 5.61 -8.71 -22.88
N ALA A 212 4.48 -9.33 -22.57
CA ALA A 212 3.59 -9.06 -21.46
C ALA A 212 3.69 -10.22 -20.47
N GLY A 213 3.37 -9.97 -19.19
CA GLY A 213 3.59 -10.96 -18.15
C GLY A 213 2.43 -11.95 -17.97
N ARG A 214 2.11 -12.73 -19.03
CA ARG A 214 1.16 -13.81 -18.94
C ARG A 214 1.69 -14.95 -19.81
N TYR A 215 1.60 -16.17 -19.34
CA TYR A 215 2.16 -17.32 -20.04
C TYR A 215 1.25 -18.52 -19.85
N LEU A 216 1.18 -19.41 -20.86
CA LEU A 216 0.81 -20.80 -20.68
C LEU A 216 1.99 -21.65 -21.11
N LEU A 217 2.70 -22.23 -20.14
CA LEU A 217 3.93 -22.95 -20.42
C LEU A 217 3.66 -24.45 -20.35
N ASP A 218 4.03 -25.12 -21.43
CA ASP A 218 4.15 -26.56 -21.44
C ASP A 218 5.20 -26.97 -20.40
N ARG A 219 4.93 -28.10 -19.75
CA ARG A 219 5.81 -28.76 -18.80
C ARG A 219 7.25 -28.86 -19.30
N ALA A 220 7.50 -28.92 -20.63
CA ALA A 220 8.85 -28.91 -21.18
C ALA A 220 9.70 -27.71 -20.71
N ILE A 221 9.09 -26.62 -20.25
CA ILE A 221 9.84 -25.45 -19.77
C ILE A 221 10.80 -25.80 -18.63
N PHE A 222 10.45 -26.77 -17.75
CA PHE A 222 11.22 -27.11 -16.56
C PHE A 222 12.56 -27.74 -16.91
N ASP A 223 12.53 -28.65 -17.90
CA ASP A 223 13.74 -29.19 -18.49
C ASP A 223 14.55 -28.07 -19.16
N ALA A 224 13.90 -27.17 -19.89
CA ALA A 224 14.61 -26.06 -20.52
C ALA A 224 15.30 -25.16 -19.47
N LEU A 225 14.64 -24.92 -18.32
CA LEU A 225 15.17 -24.09 -17.24
C LEU A 225 16.36 -24.76 -16.55
N ARG A 226 16.43 -26.09 -16.58
CA ARG A 226 17.56 -26.83 -16.05
C ARG A 226 18.79 -26.78 -16.97
N ARG A 227 18.61 -26.52 -18.27
CA ARG A 227 19.68 -26.66 -19.24
C ARG A 227 20.21 -25.32 -19.75
N ILE A 228 19.59 -24.21 -19.33
CA ILE A 228 20.10 -22.88 -19.64
C ILE A 228 21.25 -22.52 -18.69
N GLU A 229 22.20 -21.72 -19.21
CA GLU A 229 23.35 -21.24 -18.45
C GLU A 229 22.92 -20.04 -17.60
N PRO A 230 23.18 -20.03 -16.27
CA PRO A 230 22.88 -18.86 -15.43
C PRO A 230 23.75 -17.65 -15.76
N GLY A 231 23.18 -16.44 -15.68
CA GLY A 231 23.93 -15.19 -15.76
C GLY A 231 23.13 -14.06 -16.38
N GLU A 235 21.56 -14.99 -13.07
CA GLU A 235 20.14 -15.35 -12.80
C GLU A 235 19.55 -16.06 -14.02
N LEU A 236 18.66 -17.07 -13.80
CA LEU A 236 18.02 -17.81 -14.88
C LEU A 236 16.99 -16.92 -15.56
N GLN A 237 17.15 -16.71 -16.88
CA GLN A 237 16.24 -15.91 -17.70
C GLN A 237 15.23 -16.88 -18.34
N LEU A 238 13.96 -16.67 -18.07
CA LEU A 238 12.89 -17.45 -18.69
C LEU A 238 12.94 -17.31 -20.22
N THR A 239 13.22 -16.11 -20.74
CA THR A 239 13.36 -15.89 -22.18
C THR A 239 14.36 -16.87 -22.79
N ASP A 240 15.47 -17.15 -22.10
CA ASP A 240 16.46 -18.09 -22.62
C ASP A 240 15.86 -19.50 -22.66
N ALA A 241 15.09 -19.86 -21.64
CA ALA A 241 14.46 -21.17 -21.61
C ALA A 241 13.45 -21.30 -22.76
N VAL A 242 12.65 -20.24 -22.99
CA VAL A 242 11.74 -20.24 -24.13
C VAL A 242 12.53 -20.31 -25.44
N ALA A 243 13.60 -19.52 -25.58
CA ALA A 243 14.48 -19.57 -26.75
C ALA A 243 15.02 -20.98 -26.99
N LEU A 244 15.35 -21.71 -25.92
CA LEU A 244 15.83 -23.08 -26.05
C LEU A 244 14.74 -24.02 -26.58
N LEU A 245 13.51 -23.86 -26.09
CA LEU A 245 12.38 -24.65 -26.58
C LEU A 245 12.16 -24.39 -28.07
N ILE A 246 12.20 -23.12 -28.52
CA ILE A 246 12.00 -22.79 -29.94
C ILE A 246 13.08 -23.47 -30.79
N GLN A 247 14.35 -23.39 -30.33
CA GLN A 247 15.46 -24.07 -30.99
C GLN A 247 15.14 -25.55 -31.19
N GLU A 248 14.66 -26.20 -30.13
CA GLU A 248 14.45 -27.64 -30.12
C GLU A 248 13.09 -28.02 -30.71
N GLY A 249 12.40 -27.08 -31.38
CA GLY A 249 11.23 -27.36 -32.20
C GLY A 249 9.91 -27.34 -31.43
N HIS A 250 9.91 -26.74 -30.22
CA HIS A 250 8.70 -26.69 -29.41
C HIS A 250 7.85 -25.55 -29.97
N PRO A 251 6.53 -25.70 -30.23
CA PRO A 251 5.72 -24.62 -30.76
C PRO A 251 5.53 -23.53 -29.72
N VAL A 252 5.74 -22.27 -30.12
CA VAL A 252 5.53 -21.13 -29.23
C VAL A 252 4.80 -20.08 -30.06
N HIS A 253 3.61 -19.72 -29.58
CA HIS A 253 2.80 -18.70 -30.17
C HIS A 253 2.63 -17.61 -29.13
N VAL A 254 2.10 -16.48 -29.59
CA VAL A 254 1.83 -15.32 -28.76
C VAL A 254 0.45 -14.78 -29.15
N VAL A 255 -0.33 -14.40 -28.13
CA VAL A 255 -1.60 -13.73 -28.29
C VAL A 255 -1.40 -12.24 -27.99
N VAL A 256 -1.89 -11.40 -28.92
CA VAL A 256 -1.81 -9.97 -28.80
C VAL A 256 -3.02 -9.49 -28.01
N HIS A 257 -2.76 -8.96 -26.81
CA HIS A 257 -3.81 -8.32 -26.02
C HIS A 257 -4.14 -6.99 -26.66
N ARG A 258 -5.45 -6.72 -26.87
CA ARG A 258 -5.90 -5.51 -27.52
C ARG A 258 -6.48 -4.48 -26.54
N GLY A 259 -6.79 -4.92 -25.31
CA GLY A 259 -7.45 -4.08 -24.33
C GLY A 259 -6.51 -3.22 -23.50
N ASP A 260 -6.90 -2.99 -22.25
CA ASP A 260 -6.23 -2.06 -21.36
C ASP A 260 -5.26 -2.83 -20.49
N ARG A 261 -4.34 -2.08 -19.89
CA ARG A 261 -3.31 -2.68 -19.05
C ARG A 261 -2.86 -1.66 -18.01
N HIS A 262 -2.35 -2.16 -16.89
CA HIS A 262 -1.67 -1.34 -15.91
C HIS A 262 -0.34 -2.01 -15.56
N ASP A 263 0.60 -1.19 -15.13
CA ASP A 263 1.93 -1.62 -14.74
C ASP A 263 2.14 -1.21 -13.31
N LEU A 264 2.24 -2.18 -12.39
CA LEU A 264 2.41 -1.88 -10.98
C LEU A 264 3.89 -1.92 -10.60
N GLY A 265 4.79 -1.94 -11.60
CA GLY A 265 6.22 -2.06 -11.32
C GLY A 265 6.86 -0.89 -10.59
N ASN A 266 6.25 0.31 -10.65
CA ASN A 266 6.81 1.46 -9.95
C ASN A 266 5.65 2.33 -9.42
N PRO A 267 5.91 3.20 -8.43
CA PRO A 267 4.83 4.00 -7.87
C PRO A 267 4.00 4.79 -8.89
N GLY A 268 4.63 5.30 -9.97
CA GLY A 268 3.93 6.08 -10.98
C GLY A 268 2.86 5.23 -11.67
N GLY A 269 3.26 4.06 -12.18
CA GLY A 269 2.28 3.11 -12.76
C GLY A 269 1.23 2.58 -11.80
N PHE A 270 1.64 2.36 -10.56
CA PHE A 270 0.76 1.94 -9.51
C PHE A 270 -0.33 2.97 -9.26
N LEU A 271 0.07 4.26 -9.14
CA LEU A 271 -0.91 5.34 -8.94
C LEU A 271 -1.84 5.50 -10.14
N ARG A 272 -1.36 5.31 -11.39
CA ARG A 272 -2.27 5.37 -12.52
CA ARG A 272 -2.26 5.36 -12.53
C ARG A 272 -3.34 4.28 -12.36
N ALA A 273 -2.95 3.09 -11.97
CA ALA A 273 -3.94 2.01 -11.77
C ALA A 273 -4.96 2.33 -10.66
N ALA A 274 -4.47 2.81 -9.52
CA ALA A 274 -5.33 3.13 -8.38
C ALA A 274 -6.34 4.26 -8.74
N VAL A 275 -5.86 5.31 -9.43
CA VAL A 275 -6.70 6.42 -9.86
C VAL A 275 -7.73 5.95 -10.89
N ASP A 276 -7.30 5.12 -11.86
CA ASP A 276 -8.20 4.63 -12.86
C ASP A 276 -9.36 3.88 -12.22
N PHE A 277 -9.03 2.96 -11.29
CA PHE A 277 -10.05 2.19 -10.58
C PHE A 277 -10.88 3.07 -9.65
N ALA A 278 -10.27 4.02 -8.94
CA ALA A 278 -11.00 4.86 -7.99
C ALA A 278 -11.99 5.77 -8.72
N LEU A 279 -11.65 6.22 -9.95
CA LEU A 279 -12.55 7.06 -10.70
C LEU A 279 -13.83 6.33 -11.17
N GLN A 280 -13.79 5.00 -11.29
CA GLN A 280 -14.91 4.16 -11.66
C GLN A 280 -15.71 3.66 -10.45
N ASP A 281 -15.31 4.02 -9.23
CA ASP A 281 -15.98 3.59 -8.01
C ASP A 281 -16.74 4.78 -7.42
N PRO A 282 -18.10 4.70 -7.28
CA PRO A 282 -18.86 5.78 -6.67
C PRO A 282 -18.49 6.22 -5.26
N ASP A 283 -17.81 5.38 -4.46
CA ASP A 283 -17.37 5.77 -3.14
C ASP A 283 -16.31 6.88 -3.22
N TYR A 284 -15.57 6.95 -4.32
CA TYR A 284 -14.41 7.84 -4.42
C TYR A 284 -14.47 8.76 -5.63
N GLY A 285 -14.96 8.24 -6.76
CA GLY A 285 -14.75 8.80 -8.10
C GLY A 285 -15.09 10.28 -8.22
N PRO A 286 -16.35 10.71 -7.95
CA PRO A 286 -16.76 12.11 -8.15
C PRO A 286 -15.93 13.17 -7.42
N GLU A 287 -15.68 12.93 -6.12
CA GLU A 287 -14.88 13.81 -5.31
C GLU A 287 -13.41 13.78 -5.79
N LEU A 288 -12.90 12.60 -6.12
CA LEU A 288 -11.52 12.47 -6.59
C LEU A 288 -11.34 13.21 -7.93
N ARG A 289 -12.27 13.05 -8.85
CA ARG A 289 -12.24 13.73 -10.12
C ARG A 289 -12.23 15.25 -9.93
N ALA A 290 -13.06 15.81 -9.02
CA ALA A 290 -13.08 17.24 -8.74
C ALA A 290 -11.75 17.71 -8.15
N TRP A 291 -11.16 16.88 -7.27
CA TRP A 291 -9.90 17.24 -6.63
C TRP A 291 -8.77 17.25 -7.65
N LEU A 292 -8.72 16.22 -8.49
CA LEU A 292 -7.69 16.09 -9.50
C LEU A 292 -7.75 17.24 -10.50
N THR A 293 -8.97 17.64 -10.90
CA THR A 293 -9.17 18.73 -11.84
C THR A 293 -8.43 20.00 -11.40
N ASP A 294 -8.56 20.35 -10.11
CA ASP A 294 -7.87 21.51 -9.56
C ASP A 294 -6.38 21.23 -9.34
N ARG A 295 -6.04 20.05 -8.79
CA ARG A 295 -4.68 19.77 -8.36
C ARG A 295 -3.67 19.84 -9.53
N ILE A 296 -4.06 19.39 -10.72
CA ILE A 296 -3.16 19.32 -11.87
C ILE A 296 -2.96 20.68 -12.54
N ALA A 297 -3.83 21.66 -12.24
CA ALA A 297 -3.67 23.03 -12.67
C ALA A 297 -2.59 23.79 -11.88
N ARG A 298 -1.98 23.21 -10.83
CA ARG A 298 -0.93 23.89 -10.07
C ARG A 298 0.24 22.92 -9.81
N PRO A 299 1.49 23.41 -9.53
CA PRO A 299 2.62 22.52 -9.23
C PRO A 299 2.35 21.59 -8.02
N THR B 9 11.55 20.63 26.37
CA THR B 9 10.26 20.23 25.72
C THR B 9 10.13 18.70 25.81
N PHE B 10 9.07 18.14 25.19
CA PHE B 10 8.79 16.71 25.22
C PHE B 10 9.92 15.89 24.63
N THR B 11 10.05 14.64 25.08
CA THR B 11 10.98 13.66 24.51
C THR B 11 10.30 12.41 23.98
N THR B 12 9.10 12.06 24.49
CA THR B 12 8.38 10.87 24.06
C THR B 12 7.18 11.29 23.21
N ALA B 13 7.09 10.72 22.01
CA ALA B 13 5.90 10.81 21.17
C ALA B 13 5.20 9.45 21.17
N ILE B 14 3.85 9.47 21.26
CA ILE B 14 3.03 8.27 21.24
C ILE B 14 2.27 8.26 19.91
N VAL B 15 2.32 7.11 19.23
CA VAL B 15 1.54 6.90 18.00
C VAL B 15 0.51 5.80 18.27
N PRO B 16 -0.79 6.14 18.47
CA PRO B 16 -1.86 5.16 18.50
C PRO B 16 -2.03 4.51 17.13
N ALA B 17 -1.96 3.17 17.07
CA ALA B 17 -2.02 2.42 15.82
C ALA B 17 -2.66 1.05 16.05
N ALA B 18 -3.72 1.00 16.87
CA ALA B 18 -4.33 -0.27 17.25
C ALA B 18 -5.47 -0.71 16.32
N GLY B 19 -6.11 0.24 15.62
CA GLY B 19 -7.30 -0.06 14.82
C GLY B 19 -6.94 -0.72 13.48
N LEU B 20 -7.86 -1.56 12.98
CA LEU B 20 -7.69 -2.35 11.76
C LEU B 20 -7.42 -1.47 10.54
N GLY B 21 -8.26 -0.45 10.37
CA GLY B 21 -8.33 0.26 9.10
C GLY B 21 -9.37 -0.42 8.22
N THR B 22 -10.59 -0.58 8.77
CA THR B 22 -11.69 -1.30 8.15
C THR B 22 -12.01 -0.76 6.75
N ARG B 23 -11.80 0.56 6.49
CA ARG B 23 -12.01 1.18 5.18
C ARG B 23 -10.98 0.74 4.14
N PHE B 24 -9.86 0.12 4.55
CA PHE B 24 -8.89 -0.41 3.61
C PHE B 24 -8.94 -1.93 3.51
N LEU B 25 -10.04 -2.58 3.99
CA LEU B 25 -10.24 -3.99 3.71
C LEU B 25 -10.46 -4.19 2.21
N PRO B 26 -10.01 -5.32 1.61
CA PRO B 26 -9.40 -6.46 2.32
C PRO B 26 -7.90 -6.36 2.67
N THR B 27 -7.18 -5.32 2.25
CA THR B 27 -5.73 -5.24 2.40
C THR B 27 -5.28 -5.30 3.86
N THR B 28 -5.97 -4.54 4.72
CA THR B 28 -5.67 -4.46 6.14
C THR B 28 -6.00 -5.73 6.94
N LYS B 29 -6.59 -6.77 6.32
CA LYS B 29 -6.60 -8.10 6.90
C LYS B 29 -5.18 -8.57 7.16
N SER B 30 -4.25 -8.25 6.24
CA SER B 30 -2.87 -8.70 6.29
C SER B 30 -1.83 -7.60 6.48
N VAL B 31 -2.09 -6.35 6.06
CA VAL B 31 -1.08 -5.32 6.07
C VAL B 31 -1.52 -4.28 7.10
N PRO B 32 -0.68 -3.91 8.09
CA PRO B 32 -1.04 -2.81 9.01
C PRO B 32 -1.28 -1.51 8.25
N LYS B 33 -2.40 -0.84 8.54
CA LYS B 33 -2.76 0.42 7.89
CA LYS B 33 -2.76 0.41 7.89
C LYS B 33 -1.59 1.40 7.85
N GLU B 34 -0.82 1.48 8.92
CA GLU B 34 0.23 2.48 9.07
C GLU B 34 1.47 2.16 8.23
N LEU B 35 1.55 0.95 7.67
CA LEU B 35 2.63 0.58 6.74
C LEU B 35 2.27 0.81 5.27
N LEU B 36 1.04 1.26 4.97
CA LEU B 36 0.68 1.45 3.58
C LEU B 36 1.47 2.60 2.98
N PRO B 37 1.95 2.49 1.73
CA PRO B 37 2.82 3.51 1.14
C PRO B 37 2.10 4.75 0.63
N VAL B 38 2.64 5.92 1.01
CA VAL B 38 2.30 7.15 0.32
C VAL B 38 3.38 7.35 -0.75
N VAL B 39 3.04 6.99 -2.00
CA VAL B 39 4.00 6.83 -3.11
C VAL B 39 4.91 5.63 -2.79
N ASP B 40 5.90 5.80 -1.91
CA ASP B 40 6.87 4.76 -1.55
C ASP B 40 7.15 4.64 -0.05
N THR B 41 6.55 5.48 0.81
CA THR B 41 6.94 5.65 2.22
C THR B 41 5.72 5.44 3.10
N PRO B 42 5.76 4.64 4.20
CA PRO B 42 4.55 4.40 4.99
C PRO B 42 4.28 5.60 5.90
N ALA B 43 3.00 5.83 6.22
CA ALA B 43 2.56 6.86 7.16
C ALA B 43 3.38 6.81 8.46
N ILE B 44 3.68 5.62 8.97
CA ILE B 44 4.34 5.48 10.26
C ILE B 44 5.69 6.18 10.20
N GLU B 45 6.34 6.16 9.02
CA GLU B 45 7.59 6.86 8.85
C GLU B 45 7.35 8.37 8.84
N LEU B 46 6.32 8.81 8.11
CA LEU B 46 6.00 10.23 7.97
C LEU B 46 5.69 10.81 9.35
N VAL B 47 4.94 10.11 10.22
CA VAL B 47 4.69 10.63 11.58
C VAL B 47 5.92 10.51 12.49
N ALA B 48 6.75 9.45 12.41
CA ALA B 48 8.01 9.35 13.15
C ALA B 48 8.93 10.52 12.77
N ASP B 49 9.00 10.85 11.47
CA ASP B 49 9.86 11.92 11.02
C ASP B 49 9.38 13.26 11.60
N GLU B 50 8.07 13.51 11.53
CA GLU B 50 7.51 14.74 12.10
C GLU B 50 7.88 14.86 13.58
N ALA B 51 7.67 13.79 14.32
CA ALA B 51 7.93 13.71 15.75
C ALA B 51 9.39 13.97 16.07
N ARG B 52 10.30 13.39 15.28
CA ARG B 52 11.73 13.61 15.47
C ARG B 52 12.06 15.09 15.24
N GLN B 53 11.56 15.67 14.15
CA GLN B 53 11.89 17.04 13.81
C GLN B 53 11.34 17.99 14.88
N ALA B 54 10.32 17.58 15.67
CA ALA B 54 9.85 18.37 16.82
C ALA B 54 10.60 18.05 18.12
N GLY B 55 11.65 17.21 18.07
CA GLY B 55 12.56 16.97 19.17
C GLY B 55 12.25 15.70 19.97
N ALA B 56 11.34 14.83 19.49
CA ALA B 56 11.16 13.53 20.12
C ALA B 56 12.47 12.74 20.01
N GLU B 57 12.80 12.02 21.09
CA GLU B 57 13.92 11.10 21.15
C GLU B 57 13.42 9.66 21.16
N ARG B 58 12.16 9.45 21.55
CA ARG B 58 11.55 8.14 21.72
C ARG B 58 10.16 8.11 21.07
N LEU B 59 9.80 6.95 20.48
CA LEU B 59 8.49 6.73 19.91
C LEU B 59 7.88 5.50 20.56
N VAL B 60 6.64 5.62 21.04
CA VAL B 60 5.93 4.49 21.63
C VAL B 60 4.72 4.22 20.75
N ILE B 61 4.82 3.13 19.97
CA ILE B 61 3.76 2.75 19.09
C ILE B 61 2.83 1.85 19.88
N VAL B 62 1.54 2.23 19.92
CA VAL B 62 0.50 1.40 20.54
C VAL B 62 -0.22 0.64 19.44
N THR B 63 -0.19 -0.70 19.50
CA THR B 63 -0.78 -1.54 18.48
C THR B 63 -1.15 -2.90 19.07
N SER B 64 -1.84 -3.69 18.23
CA SER B 64 -2.30 -5.01 18.60
C SER B 64 -1.15 -6.01 18.44
N PRO B 65 -1.24 -7.22 19.04
CA PRO B 65 -0.28 -8.30 18.78
C PRO B 65 -0.10 -8.64 17.30
N ALA B 66 -1.18 -8.54 16.52
CA ALA B 66 -1.13 -8.88 15.10
C ALA B 66 -0.43 -7.81 14.26
N LYS B 67 -0.11 -6.63 14.79
CA LYS B 67 0.46 -5.55 14.00
C LYS B 67 1.87 -5.18 14.49
N GLN B 68 2.53 -6.09 15.21
CA GLN B 68 3.86 -5.88 15.78
C GLN B 68 4.91 -5.63 14.70
N SER B 69 4.69 -6.16 13.48
CA SER B 69 5.49 -5.90 12.29
C SER B 69 5.85 -4.43 12.08
N ILE B 70 4.97 -3.50 12.53
CA ILE B 70 5.30 -2.08 12.51
C ILE B 70 6.67 -1.85 13.17
N ALA B 71 6.97 -2.58 14.26
CA ALA B 71 8.22 -2.44 15.00
C ALA B 71 9.43 -2.80 14.14
N ALA B 72 9.38 -3.98 13.49
CA ALA B 72 10.41 -4.45 12.59
C ALA B 72 10.79 -3.44 11.51
N TYR B 73 9.81 -2.62 11.08
CA TYR B 73 10.09 -1.56 10.12
C TYR B 73 11.18 -0.63 10.66
N PHE B 74 11.26 -0.48 12.00
CA PHE B 74 12.21 0.46 12.56
C PHE B 74 13.52 -0.23 12.95
N ARG B 75 13.67 -1.52 12.60
CA ARG B 75 14.95 -2.18 12.78
C ARG B 75 15.77 -2.14 11.50
N PRO B 76 17.13 -2.02 11.55
CA PRO B 76 17.94 -2.08 10.34
C PRO B 76 17.73 -3.39 9.58
N ALA B 77 18.09 -3.31 8.31
CA ALA B 77 18.03 -4.43 7.40
C ALA B 77 19.41 -4.57 6.76
N PRO B 78 20.41 -5.14 7.48
CA PRO B 78 21.80 -5.19 7.00
C PRO B 78 22.03 -5.78 5.62
N GLU B 79 21.39 -6.94 5.33
CA GLU B 79 21.54 -7.63 4.07
C GLU B 79 21.03 -6.78 2.90
N LEU B 80 19.85 -6.20 3.09
CA LEU B 80 19.27 -5.31 2.08
C LEU B 80 20.16 -4.08 1.85
N GLU B 81 20.64 -3.49 2.93
CA GLU B 81 21.55 -2.35 2.86
C GLU B 81 22.79 -2.70 2.04
N ARG B 82 23.38 -3.86 2.35
CA ARG B 82 24.52 -4.34 1.59
C ARG B 82 24.22 -4.48 0.10
N SER B 83 23.12 -5.14 -0.24
CA SER B 83 22.76 -5.40 -1.62
C SER B 83 22.51 -4.07 -2.37
N LEU B 84 21.86 -3.09 -1.71
CA LEU B 84 21.64 -1.79 -2.36
C LEU B 84 22.97 -1.05 -2.58
N GLU B 85 23.86 -1.12 -1.58
CA GLU B 85 25.15 -0.45 -1.66
C GLU B 85 25.98 -1.05 -2.80
N GLU B 86 25.92 -2.37 -2.97
CA GLU B 86 26.70 -3.06 -3.99
C GLU B 86 26.19 -2.75 -5.40
N LYS B 87 24.91 -2.42 -5.54
CA LYS B 87 24.32 -2.04 -6.82
C LYS B 87 24.46 -0.54 -7.09
N GLY B 88 25.03 0.23 -6.17
CA GLY B 88 25.14 1.67 -6.31
C GLY B 88 23.82 2.41 -6.13
N LYS B 89 22.84 1.79 -5.45
CA LYS B 89 21.57 2.43 -5.17
C LYS B 89 21.70 3.21 -3.85
N THR B 90 22.50 4.29 -3.84
CA THR B 90 22.75 5.15 -2.71
C THR B 90 21.50 5.92 -2.25
N GLY B 91 20.63 6.31 -3.19
CA GLY B 91 19.35 6.90 -2.84
C GLY B 91 18.41 5.96 -2.09
N GLN B 92 18.32 4.72 -2.58
CA GLN B 92 17.42 3.73 -1.97
C GLN B 92 18.00 3.34 -0.60
N LEU B 93 19.33 3.28 -0.50
CA LEU B 93 20.01 2.95 0.74
C LEU B 93 19.70 4.00 1.79
N ALA B 94 19.86 5.28 1.42
CA ALA B 94 19.51 6.38 2.32
C ALA B 94 18.04 6.28 2.78
N LYS B 95 17.13 5.96 1.85
CA LYS B 95 15.71 5.85 2.13
C LYS B 95 15.36 4.74 3.11
N ILE B 96 16.07 3.59 3.04
CA ILE B 96 15.86 2.53 4.03
C ILE B 96 16.59 2.76 5.36
N ARG B 97 17.68 3.55 5.38
CA ARG B 97 18.36 3.81 6.63
C ARG B 97 17.62 4.85 7.47
N ARG B 98 16.75 5.66 6.84
CA ARG B 98 16.14 6.81 7.48
C ARG B 98 15.39 6.40 8.76
N ALA B 99 14.38 5.51 8.64
CA ALA B 99 13.45 5.26 9.74
C ALA B 99 14.17 4.62 10.93
N PRO B 100 15.05 3.60 10.78
CA PRO B 100 15.76 3.05 11.97
C PRO B 100 16.61 4.08 12.73
N GLU B 101 17.08 5.12 12.03
CA GLU B 101 18.01 6.09 12.59
C GLU B 101 17.28 7.27 13.21
N LEU B 102 15.96 7.39 13.04
CA LEU B 102 15.25 8.58 13.50
C LEU B 102 15.29 8.72 15.00
N LEU B 103 14.94 7.66 15.76
CA LEU B 103 14.80 7.74 17.22
C LEU B 103 14.60 6.33 17.81
N GLU B 104 14.53 6.21 19.15
CA GLU B 104 14.33 4.93 19.82
C GLU B 104 12.86 4.55 19.83
N VAL B 105 12.53 3.32 19.39
CA VAL B 105 11.14 2.94 19.15
C VAL B 105 10.80 1.80 20.11
N GLU B 106 9.60 1.86 20.68
CA GLU B 106 9.06 0.83 21.56
C GLU B 106 7.63 0.56 21.13
N VAL B 107 7.12 -0.64 21.44
CA VAL B 107 5.73 -0.97 21.17
C VAL B 107 5.01 -1.31 22.47
N ALA B 108 3.76 -0.84 22.60
CA ALA B 108 2.92 -1.19 23.73
C ALA B 108 1.72 -1.97 23.20
N ILE B 109 1.48 -3.17 23.75
CA ILE B 109 0.51 -4.10 23.22
C ILE B 109 -0.86 -3.86 23.85
N GLN B 110 -1.88 -3.67 23.01
CA GLN B 110 -3.24 -3.43 23.43
C GLN B 110 -4.07 -4.52 22.76
N GLU B 111 -4.28 -5.65 23.47
CA GLU B 111 -4.95 -6.81 22.89
C GLU B 111 -6.19 -6.40 22.08
N GLN B 112 -6.96 -5.43 22.57
CA GLN B 112 -8.21 -5.01 21.93
C GLN B 112 -8.15 -3.53 21.56
N ALA B 113 -8.74 -3.17 20.41
CA ALA B 113 -8.81 -1.79 19.95
C ALA B 113 -10.00 -1.11 20.62
N LEU B 114 -9.82 -0.72 21.88
CA LEU B 114 -10.90 -0.16 22.66
C LEU B 114 -10.96 1.35 22.49
N GLY B 115 -10.12 1.92 21.60
CA GLY B 115 -10.21 3.34 21.25
C GLY B 115 -8.94 4.12 21.56
N LEU B 116 -9.03 5.44 21.35
CA LEU B 116 -7.87 6.33 21.40
C LEU B 116 -7.44 6.55 22.85
N GLY B 117 -8.40 6.85 23.73
CA GLY B 117 -8.09 7.04 25.14
C GLY B 117 -7.46 5.79 25.75
N HIS B 118 -8.03 4.61 25.45
CA HIS B 118 -7.44 3.34 25.88
C HIS B 118 -6.02 3.17 25.36
N ALA B 119 -5.79 3.55 24.08
CA ALA B 119 -4.48 3.44 23.45
C ALA B 119 -3.46 4.32 24.15
N VAL B 120 -3.80 5.59 24.42
CA VAL B 120 -2.90 6.53 25.08
C VAL B 120 -2.57 6.01 26.50
N ALA B 121 -3.57 5.48 27.23
CA ALA B 121 -3.38 5.00 28.60
C ALA B 121 -2.49 3.76 28.66
N CSX B 122 -2.53 2.89 27.62
CA CSX B 122 -1.68 1.70 27.52
CB CSX B 122 -2.13 0.70 26.42
SG CSX B 122 -3.47 -0.46 26.88
C CSX B 122 -0.21 2.06 27.21
O CSX B 122 0.65 1.17 27.32
OD CSX B 122 -3.34 -0.78 28.32
H CSX B 122 -3.15 3.02 26.96
HA CSX B 122 -1.70 1.24 28.39
HB2 CSX B 122 -2.43 1.21 25.65
HB3 CSX B 122 -1.37 0.17 26.14
HG CSX B 122 -4.42 0.33 26.75
N ALA B 123 0.07 3.30 26.79
CA ALA B 123 1.43 3.80 26.64
C ALA B 123 2.13 4.18 27.96
N GLU B 124 1.38 4.44 29.04
CA GLU B 124 1.95 4.95 30.30
C GLU B 124 3.07 4.07 30.85
N PRO B 125 2.98 2.72 30.84
CA PRO B 125 4.11 1.89 31.29
C PRO B 125 5.45 2.15 30.60
N ASN B 126 5.42 2.73 29.39
CA ASN B 126 6.62 3.05 28.62
C ASN B 126 7.15 4.46 28.89
N LEU B 127 6.51 5.23 29.78
CA LEU B 127 6.99 6.54 30.19
C LEU B 127 7.87 6.40 31.41
N GLY B 128 8.81 7.34 31.54
CA GLY B 128 9.69 7.44 32.70
C GLY B 128 9.47 8.73 33.46
N PRO B 129 10.27 8.98 34.53
CA PRO B 129 10.15 10.17 35.36
C PRO B 129 10.23 11.51 34.62
N GLU B 130 10.97 11.54 33.50
CA GLU B 130 11.22 12.77 32.77
C GLU B 130 10.07 13.14 31.83
N ASP B 131 9.07 12.26 31.65
CA ASP B 131 7.96 12.47 30.71
C ASP B 131 6.82 13.26 31.36
N ASP B 132 7.06 14.56 31.62
CA ASP B 132 6.07 15.46 32.20
C ASP B 132 4.95 15.77 31.19
N VAL B 133 5.31 15.74 29.89
CA VAL B 133 4.41 15.96 28.79
C VAL B 133 4.77 14.94 27.70
N VAL B 134 3.77 14.47 26.96
CA VAL B 134 3.94 13.59 25.81
C VAL B 134 3.27 14.16 24.56
N ALA B 135 3.89 13.95 23.39
CA ALA B 135 3.24 14.25 22.14
C ALA B 135 2.46 13.01 21.70
N VAL B 136 1.33 13.26 21.03
CA VAL B 136 0.50 12.24 20.45
C VAL B 136 0.26 12.66 19.02
N LEU B 137 0.59 11.74 18.08
CA LEU B 137 0.37 11.93 16.65
C LEU B 137 -0.51 10.77 16.15
N LEU B 138 -1.69 11.12 15.62
CA LEU B 138 -2.56 10.18 14.93
C LEU B 138 -2.01 10.00 13.53
N PRO B 139 -1.63 8.74 13.16
CA PRO B 139 -1.07 8.49 11.84
C PRO B 139 -1.98 8.69 10.62
N ASP B 140 -3.30 8.85 10.80
CA ASP B 140 -4.19 9.14 9.68
C ASP B 140 -4.19 10.61 9.29
N ASP B 141 -3.65 11.49 10.17
CA ASP B 141 -3.54 12.90 9.87
C ASP B 141 -2.11 13.22 9.46
N LEU B 142 -1.94 13.81 8.27
CA LEU B 142 -0.68 14.39 7.89
C LEU B 142 -0.88 15.90 7.97
N VAL B 143 -0.04 16.57 8.77
CA VAL B 143 -0.14 17.99 9.02
C VAL B 143 1.13 18.63 8.46
N LEU B 144 0.95 19.53 7.47
CA LEU B 144 2.01 19.94 6.56
C LEU B 144 2.10 21.47 6.51
N PRO B 145 3.31 22.07 6.49
CA PRO B 145 4.58 21.36 6.67
C PRO B 145 4.78 20.87 8.12
N HIS B 146 5.89 20.18 8.38
CA HIS B 146 6.28 19.83 9.74
C HIS B 146 6.32 21.07 10.62
N GLY B 147 5.94 20.95 11.89
CA GLY B 147 6.17 22.03 12.84
C GLY B 147 5.01 22.32 13.79
N ILE B 148 3.83 21.72 13.55
CA ILE B 148 2.70 22.01 14.44
C ILE B 148 3.07 21.71 15.90
N LEU B 149 3.74 20.60 16.18
CA LEU B 149 4.08 20.26 17.57
C LEU B 149 5.00 21.30 18.24
N GLU B 150 5.89 21.96 17.47
CA GLU B 150 6.73 23.04 17.97
C GLU B 150 5.90 24.27 18.35
N ARG B 151 4.87 24.59 17.56
CA ARG B 151 3.96 25.68 17.89
C ARG B 151 3.21 25.37 19.19
N MET B 152 2.76 24.12 19.35
CA MET B 152 2.04 23.69 20.53
C MET B 152 2.95 23.72 21.76
N ALA B 153 4.24 23.40 21.60
CA ALA B 153 5.21 23.49 22.68
C ALA B 153 5.37 24.92 23.20
N LYS B 154 5.33 25.93 22.32
CA LYS B 154 5.34 27.33 22.70
C LYS B 154 4.16 27.66 23.64
N VAL B 155 2.98 27.11 23.30
CA VAL B 155 1.77 27.35 24.06
C VAL B 155 1.89 26.70 25.44
N ARG B 156 2.43 25.47 25.48
CA ARG B 156 2.70 24.77 26.73
C ARG B 156 3.68 25.56 27.61
N ALA B 157 4.74 26.15 27.02
CA ALA B 157 5.71 26.98 27.70
C ALA B 157 5.04 28.20 28.36
N GLU B 158 4.11 28.85 27.64
CA GLU B 158 3.47 30.08 28.10
C GLU B 158 2.38 29.80 29.15
N HIS B 159 1.55 28.78 28.93
CA HIS B 159 0.33 28.58 29.69
C HIS B 159 0.35 27.35 30.60
N GLY B 160 1.38 26.50 30.48
CA GLY B 160 1.36 25.17 31.06
C GLY B 160 0.24 24.31 30.49
N GLY B 161 -0.06 23.21 31.19
CA GLY B 161 -1.19 22.35 30.87
C GLY B 161 -0.94 21.59 29.57
N SER B 162 -2.01 21.47 28.78
CA SER B 162 -2.07 20.55 27.64
C SER B 162 -2.51 21.34 26.42
N VAL B 163 -2.15 20.82 25.24
CA VAL B 163 -2.31 21.60 24.03
C VAL B 163 -2.87 20.67 22.94
N LEU B 164 -3.97 21.12 22.30
CA LEU B 164 -4.59 20.40 21.20
C LEU B 164 -4.32 21.14 19.88
N CYS B 165 -4.82 20.53 18.79
CA CYS B 165 -4.65 21.02 17.43
C CYS B 165 -6.01 21.06 16.74
N ALA B 166 -6.23 22.07 15.91
CA ALA B 166 -7.42 22.24 15.11
C ALA B 166 -7.09 22.64 13.68
N PHE B 167 -7.98 22.22 12.75
CA PHE B 167 -8.07 22.81 11.44
C PHE B 167 -9.17 23.86 11.46
N ASP B 168 -9.04 24.88 10.59
CA ASP B 168 -10.07 25.91 10.48
C ASP B 168 -10.99 25.47 9.33
N ILE B 169 -12.20 25.00 9.65
CA ILE B 169 -13.11 24.43 8.65
C ILE B 169 -14.42 25.21 8.66
N PRO B 170 -14.98 25.64 7.50
CA PRO B 170 -16.29 26.30 7.51
C PRO B 170 -17.38 25.43 8.15
N LYS B 171 -18.34 26.05 8.82
CA LYS B 171 -19.32 25.31 9.61
C LYS B 171 -20.20 24.42 8.74
N GLU B 172 -20.38 24.79 7.45
CA GLU B 172 -21.09 23.95 6.48
C GLU B 172 -20.33 22.67 6.14
N GLU B 173 -19.05 22.53 6.49
CA GLU B 173 -18.24 21.38 6.12
C GLU B 173 -17.63 20.67 7.34
N ILE B 174 -18.09 20.98 8.57
CA ILE B 174 -17.39 20.58 9.79
C ILE B 174 -18.07 19.42 10.53
N SER B 175 -19.24 18.98 10.05
CA SER B 175 -20.09 18.09 10.83
C SER B 175 -19.52 16.69 11.06
N ALA B 176 -18.51 16.26 10.30
CA ALA B 176 -17.80 15.01 10.53
C ALA B 176 -16.77 15.06 11.66
N TYR B 177 -16.49 16.27 12.23
CA TYR B 177 -15.41 16.49 13.17
C TYR B 177 -15.96 16.73 14.58
N GLY B 178 -15.10 16.49 15.59
CA GLY B 178 -15.25 17.18 16.87
C GLY B 178 -14.88 18.66 16.73
N VAL B 179 -15.65 19.55 17.36
CA VAL B 179 -15.54 20.99 17.15
C VAL B 179 -15.38 21.62 18.51
N PHE B 180 -14.36 22.49 18.65
CA PHE B 180 -14.03 23.09 19.94
C PHE B 180 -14.96 24.27 20.25
N ASP B 181 -15.32 24.38 21.54
CA ASP B 181 -15.84 25.60 22.12
C ASP B 181 -14.66 26.33 22.74
N VAL B 182 -14.47 27.59 22.34
CA VAL B 182 -13.22 28.29 22.60
C VAL B 182 -13.44 29.72 23.06
N SER B 183 -12.37 30.30 23.64
CA SER B 183 -12.24 31.73 23.82
C SER B 183 -10.90 32.20 23.23
N ASP B 184 -10.86 33.47 22.87
CA ASP B 184 -9.67 34.07 22.26
C ASP B 184 -8.54 34.20 23.27
N THR B 185 -7.33 34.27 22.70
CA THR B 185 -6.12 34.68 23.42
C THR B 185 -5.51 35.82 22.63
N ASP B 186 -4.32 36.28 23.04
CA ASP B 186 -3.61 37.34 22.33
C ASP B 186 -3.00 36.82 21.02
N ASP B 187 -2.97 35.49 20.78
CA ASP B 187 -2.55 34.93 19.50
C ASP B 187 -3.77 34.44 18.73
N ALA B 188 -3.94 34.95 17.50
CA ALA B 188 -5.05 34.62 16.62
C ALA B 188 -5.14 33.12 16.30
N ASP B 189 -4.04 32.36 16.42
CA ASP B 189 -4.01 30.94 16.14
C ASP B 189 -4.02 30.10 17.41
N VAL B 190 -4.27 30.72 18.56
CA VAL B 190 -4.24 29.99 19.82
C VAL B 190 -5.56 30.34 20.49
N LYS B 191 -6.34 29.31 20.87
CA LYS B 191 -7.57 29.52 21.62
C LYS B 191 -7.51 28.74 22.93
N ARG B 192 -8.22 29.26 23.95
CA ARG B 192 -8.44 28.47 25.13
C ARG B 192 -9.59 27.54 24.80
N VAL B 193 -9.47 26.26 25.17
CA VAL B 193 -10.50 25.25 24.97
C VAL B 193 -11.37 25.23 26.23
N HIS B 194 -12.68 25.40 26.04
CA HIS B 194 -13.71 25.24 27.06
C HIS B 194 -14.35 23.87 26.99
N GLY B 195 -14.33 23.24 25.80
CA GLY B 195 -15.12 22.02 25.58
C GLY B 195 -15.02 21.58 24.12
N MET B 196 -15.68 20.48 23.81
CA MET B 196 -15.78 20.01 22.43
C MET B 196 -17.17 19.41 22.22
N VAL B 197 -17.73 19.62 21.02
CA VAL B 197 -19.02 19.10 20.61
C VAL B 197 -18.73 18.10 19.48
N GLU B 198 -19.26 16.87 19.62
CA GLU B 198 -19.00 15.79 18.67
C GLU B 198 -19.99 15.89 17.51
N LYS B 199 -19.48 16.09 16.30
CA LYS B 199 -20.24 16.05 15.05
C LYS B 199 -21.46 16.96 15.08
N PRO B 200 -21.29 18.26 15.41
CA PRO B 200 -22.43 19.19 15.44
C PRO B 200 -22.93 19.43 14.02
N PRO B 201 -24.26 19.58 13.79
CA PRO B 201 -24.73 20.21 12.57
C PRO B 201 -24.18 21.64 12.52
N ALA B 202 -24.12 22.19 11.29
CA ALA B 202 -23.53 23.49 11.02
C ALA B 202 -24.05 24.58 11.95
N GLU B 203 -25.38 24.62 12.18
CA GLU B 203 -25.99 25.65 13.00
C GLU B 203 -25.73 25.46 14.50
N GLN B 204 -25.20 24.31 14.95
CA GLN B 204 -24.87 24.08 16.36
C GLN B 204 -23.35 24.01 16.60
N ALA B 205 -22.54 24.17 15.57
CA ALA B 205 -21.10 24.10 15.73
C ALA B 205 -20.64 25.34 16.48
N PRO B 206 -19.93 25.19 17.63
CA PRO B 206 -19.58 26.34 18.48
C PRO B 206 -18.45 27.20 17.91
N SER B 207 -17.74 26.70 16.89
CA SER B 207 -16.65 27.44 16.26
C SER B 207 -16.37 26.79 14.89
N THR B 208 -15.34 27.26 14.17
CA THR B 208 -14.86 26.63 12.96
C THR B 208 -13.59 25.82 13.26
N PHE B 209 -13.34 25.48 14.53
CA PHE B 209 -12.08 24.84 14.86
C PHE B 209 -12.34 23.34 15.09
N ALA B 210 -11.95 22.52 14.13
CA ALA B 210 -12.19 21.09 14.09
C ALA B 210 -10.96 20.38 14.68
N ALA B 211 -11.18 19.45 15.61
CA ALA B 211 -10.12 18.70 16.30
C ALA B 211 -9.29 17.89 15.30
N ALA B 212 -7.97 18.15 15.32
CA ALA B 212 -6.99 17.47 14.49
C ALA B 212 -6.18 16.53 15.37
N GLY B 213 -5.58 15.50 14.74
CA GLY B 213 -4.93 14.46 15.53
C GLY B 213 -3.48 14.76 15.90
N ARG B 214 -3.27 15.87 16.64
CA ARG B 214 -1.99 16.18 17.27
C ARG B 214 -2.28 16.68 18.69
N TYR B 215 -1.47 16.23 19.66
CA TYR B 215 -1.67 16.54 21.07
C TYR B 215 -0.32 16.74 21.75
N LEU B 216 -0.29 17.62 22.76
CA LEU B 216 0.76 17.66 23.78
C LEU B 216 0.06 17.55 25.12
N LEU B 217 0.11 16.37 25.73
CA LEU B 217 -0.65 16.06 26.94
C LEU B 217 0.27 16.07 28.14
N ASP B 218 -0.09 16.90 29.11
CA ASP B 218 0.53 16.81 30.42
C ASP B 218 0.28 15.42 31.00
N ARG B 219 1.24 14.91 31.78
CA ARG B 219 1.10 13.63 32.47
C ARG B 219 -0.24 13.47 33.20
N ALA B 220 -0.87 14.58 33.64
CA ALA B 220 -2.15 14.49 34.34
C ALA B 220 -3.23 13.70 33.59
N ILE B 221 -3.14 13.61 32.25
CA ILE B 221 -4.08 12.88 31.41
C ILE B 221 -4.25 11.42 31.83
N PHE B 222 -3.19 10.78 32.32
CA PHE B 222 -3.26 9.36 32.69
C PHE B 222 -4.20 9.15 33.87
N ASP B 223 -4.03 9.95 34.92
CA ASP B 223 -4.92 9.95 36.08
C ASP B 223 -6.34 10.24 35.61
N ALA B 224 -6.49 11.22 34.71
CA ALA B 224 -7.81 11.57 34.21
C ALA B 224 -8.45 10.38 33.48
N LEU B 225 -7.65 9.69 32.65
CA LEU B 225 -8.09 8.47 31.95
C LEU B 225 -8.40 7.32 32.93
N ARG B 226 -7.74 7.29 34.09
CA ARG B 226 -8.08 6.34 35.16
C ARG B 226 -9.34 6.71 35.94
N ARG B 227 -9.74 7.99 35.96
CA ARG B 227 -10.87 8.44 36.77
C ARG B 227 -12.17 8.56 35.97
N ILE B 228 -12.10 8.57 34.64
CA ILE B 228 -13.29 8.70 33.81
C ILE B 228 -14.02 7.37 33.72
N GLU B 229 -15.33 7.46 33.48
CA GLU B 229 -16.19 6.29 33.41
C GLU B 229 -15.99 5.60 32.06
N PRO B 230 -15.65 4.29 32.01
CA PRO B 230 -15.54 3.55 30.74
C PRO B 230 -16.87 3.37 30.01
N GLY B 231 -16.80 3.21 28.68
CA GLY B 231 -17.93 2.80 27.86
C GLY B 231 -18.26 1.32 28.00
N GLY B 234 -15.43 -1.19 27.86
CA GLY B 234 -14.20 -0.64 28.47
C GLY B 234 -13.47 0.40 27.61
N GLU B 235 -14.22 1.10 26.73
CA GLU B 235 -13.70 2.17 25.89
C GLU B 235 -13.44 3.37 26.80
N LEU B 236 -12.39 4.14 26.50
CA LEU B 236 -11.97 5.28 27.29
C LEU B 236 -11.89 6.49 26.37
N GLN B 237 -12.89 7.38 26.43
CA GLN B 237 -12.97 8.49 25.48
C GLN B 237 -11.96 9.56 25.91
N LEU B 238 -10.97 9.89 25.05
CA LEU B 238 -9.93 10.86 25.42
C LEU B 238 -10.54 12.25 25.70
N THR B 239 -11.59 12.64 24.96
CA THR B 239 -12.23 13.94 25.15
C THR B 239 -12.84 14.05 26.55
N ASP B 240 -13.30 12.93 27.13
CA ASP B 240 -13.87 12.93 28.47
C ASP B 240 -12.78 13.15 29.50
N ALA B 241 -11.58 12.61 29.25
CA ALA B 241 -10.45 12.83 30.13
C ALA B 241 -10.00 14.29 30.05
N VAL B 242 -10.00 14.86 28.83
CA VAL B 242 -9.63 16.26 28.67
C VAL B 242 -10.71 17.15 29.31
N ALA B 243 -12.01 16.86 29.12
CA ALA B 243 -13.09 17.57 29.82
C ALA B 243 -12.91 17.56 31.34
N LEU B 244 -12.51 16.39 31.88
CA LEU B 244 -12.32 16.28 33.33
C LEU B 244 -11.22 17.22 33.80
N LEU B 245 -10.09 17.26 33.06
CA LEU B 245 -8.98 18.15 33.33
C LEU B 245 -9.45 19.60 33.26
N ILE B 246 -10.23 19.94 32.23
CA ILE B 246 -10.73 21.31 32.05
C ILE B 246 -11.56 21.69 33.29
N GLN B 247 -12.52 20.83 33.67
CA GLN B 247 -13.38 21.08 34.83
C GLN B 247 -12.55 21.28 36.10
N GLU B 248 -11.45 20.55 36.24
CA GLU B 248 -10.56 20.65 37.37
C GLU B 248 -9.50 21.74 37.24
N GLY B 249 -9.59 22.62 36.24
CA GLY B 249 -8.74 23.80 36.16
C GLY B 249 -7.41 23.61 35.43
N HIS B 250 -7.18 22.42 34.83
CA HIS B 250 -6.00 22.17 34.03
C HIS B 250 -6.11 23.03 32.79
N PRO B 251 -5.10 23.88 32.43
CA PRO B 251 -5.16 24.70 31.22
C PRO B 251 -5.12 23.79 29.98
N VAL B 252 -6.03 24.03 29.04
CA VAL B 252 -6.05 23.36 27.74
C VAL B 252 -6.24 24.44 26.68
N HIS B 253 -5.27 24.56 25.78
CA HIS B 253 -5.38 25.45 24.64
C HIS B 253 -5.35 24.60 23.37
N VAL B 254 -5.65 25.27 22.26
CA VAL B 254 -5.60 24.67 20.92
C VAL B 254 -4.87 25.64 20.00
N VAL B 255 -4.01 25.06 19.12
CA VAL B 255 -3.33 25.75 18.03
C VAL B 255 -4.08 25.42 16.74
N VAL B 256 -4.39 26.48 15.97
CA VAL B 256 -5.05 26.37 14.70
C VAL B 256 -3.97 26.20 13.63
N HIS B 257 -3.96 25.01 12.99
CA HIS B 257 -3.06 24.77 11.86
C HIS B 257 -3.51 25.61 10.66
N ARG B 258 -2.59 26.38 10.05
CA ARG B 258 -2.92 27.20 8.89
C ARG B 258 -2.48 26.57 7.56
N GLY B 259 -1.62 25.55 7.60
CA GLY B 259 -1.07 24.96 6.37
C GLY B 259 -2.00 23.94 5.69
N ASP B 260 -1.37 22.95 5.07
CA ASP B 260 -2.06 21.92 4.34
C ASP B 260 -2.19 20.69 5.22
N ARG B 261 -3.05 19.77 4.77
N ARG B 261 -3.02 19.76 4.76
CA ARG B 261 -3.26 18.54 5.49
CA ARG B 261 -3.21 18.53 5.50
C ARG B 261 -3.68 17.46 4.50
C ARG B 261 -3.74 17.46 4.54
N HIS B 262 -3.48 16.20 4.91
CA HIS B 262 -4.06 15.06 4.24
C HIS B 262 -4.69 14.17 5.29
N ASP B 263 -5.66 13.39 4.82
CA ASP B 263 -6.42 12.45 5.60
C ASP B 263 -6.20 11.06 5.02
N LEU B 264 -5.48 10.20 5.76
CA LEU B 264 -5.23 8.83 5.33
C LEU B 264 -6.29 7.84 5.85
N GLY B 265 -7.37 8.36 6.41
CA GLY B 265 -8.37 7.49 7.01
C GLY B 265 -9.21 6.67 6.03
N ASN B 266 -9.18 6.98 4.74
CA ASN B 266 -9.92 6.23 3.75
C ASN B 266 -9.17 6.25 2.41
N PRO B 267 -9.41 5.27 1.52
CA PRO B 267 -8.69 5.20 0.26
C PRO B 267 -8.75 6.47 -0.60
N GLY B 268 -9.86 7.22 -0.55
CA GLY B 268 -10.00 8.47 -1.30
C GLY B 268 -9.01 9.55 -0.85
N GLY B 269 -9.01 9.89 0.43
CA GLY B 269 -8.01 10.84 0.93
C GLY B 269 -6.56 10.34 0.90
N PHE B 270 -6.36 9.02 0.99
CA PHE B 270 -5.06 8.43 0.86
C PHE B 270 -4.53 8.70 -0.55
N LEU B 271 -5.36 8.44 -1.57
CA LEU B 271 -4.96 8.65 -2.97
C LEU B 271 -4.66 10.11 -3.24
N ARG B 272 -5.44 11.04 -2.65
CA ARG B 272 -5.16 12.46 -2.82
C ARG B 272 -3.76 12.77 -2.25
N ALA B 273 -3.44 12.18 -1.10
CA ALA B 273 -2.11 12.39 -0.53
C ALA B 273 -1.01 11.88 -1.48
N ALA B 274 -1.21 10.65 -1.97
CA ALA B 274 -0.21 9.99 -2.80
C ALA B 274 -0.01 10.76 -4.10
N VAL B 275 -1.12 11.20 -4.72
CA VAL B 275 -1.05 11.99 -5.94
C VAL B 275 -0.35 13.34 -5.72
N ASP B 276 -0.71 14.01 -4.61
CA ASP B 276 -0.16 15.30 -4.30
C ASP B 276 1.36 15.18 -4.15
N PHE B 277 1.80 14.16 -3.43
CA PHE B 277 3.22 13.97 -3.25
C PHE B 277 3.89 13.54 -4.56
N ALA B 278 3.30 12.57 -5.31
CA ALA B 278 3.91 12.14 -6.59
C ALA B 278 4.05 13.28 -7.63
N LEU B 279 3.12 14.26 -7.65
CA LEU B 279 3.20 15.39 -8.56
C LEU B 279 4.39 16.31 -8.24
N GLN B 280 4.89 16.28 -7.00
CA GLN B 280 6.03 17.05 -6.56
C GLN B 280 7.36 16.30 -6.72
N ASP B 281 7.31 15.07 -7.21
CA ASP B 281 8.47 14.18 -7.29
C ASP B 281 8.84 14.05 -8.76
N PRO B 282 10.02 14.56 -9.19
CA PRO B 282 10.45 14.47 -10.59
C PRO B 282 10.49 13.06 -11.16
N ASP B 283 10.62 12.01 -10.32
CA ASP B 283 10.60 10.64 -10.81
C ASP B 283 9.23 10.25 -11.42
N TYR B 284 8.18 10.92 -10.97
CA TYR B 284 6.80 10.53 -11.30
C TYR B 284 5.95 11.67 -11.81
N GLY B 285 6.07 12.89 -11.22
CA GLY B 285 5.21 14.04 -11.47
C GLY B 285 4.84 14.34 -12.92
N PRO B 286 5.78 14.65 -13.82
CA PRO B 286 5.42 15.04 -15.20
C PRO B 286 4.59 14.02 -16.00
N GLU B 287 4.99 12.74 -15.95
CA GLU B 287 4.28 11.66 -16.60
C GLU B 287 2.88 11.50 -15.99
N LEU B 288 2.81 11.61 -14.64
CA LEU B 288 1.56 11.39 -13.93
C LEU B 288 0.59 12.52 -14.27
N ARG B 289 1.10 13.76 -14.27
CA ARG B 289 0.27 14.91 -14.58
C ARG B 289 -0.32 14.84 -15.99
N ALA B 290 0.47 14.43 -16.99
CA ALA B 290 0.00 14.31 -18.37
C ALA B 290 -1.04 13.18 -18.49
N TRP B 291 -0.83 12.07 -17.74
CA TRP B 291 -1.81 10.98 -17.77
C TRP B 291 -3.11 11.43 -17.10
N LEU B 292 -3.01 12.08 -15.93
CA LEU B 292 -4.18 12.57 -15.22
C LEU B 292 -4.99 13.51 -16.12
N THR B 293 -4.30 14.38 -16.87
CA THR B 293 -4.94 15.37 -17.73
C THR B 293 -5.94 14.70 -18.67
N ASP B 294 -5.49 13.63 -19.36
CA ASP B 294 -6.34 12.88 -20.27
C ASP B 294 -7.36 12.06 -19.49
N ARG B 295 -6.95 11.42 -18.40
CA ARG B 295 -7.81 10.46 -17.72
C ARG B 295 -9.09 11.10 -17.18
N ILE B 296 -9.00 12.29 -16.56
CA ILE B 296 -10.16 12.93 -15.95
C ILE B 296 -11.15 13.47 -16.98
N ALA B 297 -10.73 13.63 -18.25
CA ALA B 297 -11.63 14.01 -19.33
C ALA B 297 -12.51 12.85 -19.85
N ARG B 298 -12.39 11.61 -19.31
CA ARG B 298 -13.28 10.51 -19.64
C ARG B 298 -13.79 9.80 -18.37
N PRO B 299 -14.93 9.04 -18.39
CA PRO B 299 -15.39 8.29 -17.21
C PRO B 299 -14.34 7.27 -16.72
C1 PEG C . 10.68 -12.68 -39.42
O1 PEG C . 9.76 -11.87 -38.68
C2 PEG C . 10.99 -14.03 -38.80
O2 PEG C . 11.97 -14.75 -39.60
C3 PEG C . 11.50 -15.88 -40.32
C4 PEG C . 12.61 -16.94 -40.43
O4 PEG C . 12.80 -17.70 -39.21
H11 PEG C . 11.53 -12.19 -39.51
H12 PEG C . 10.33 -12.82 -40.32
HO1 PEG C . 9.65 -11.16 -39.08
H21 PEG C . 10.15 -14.55 -38.73
H22 PEG C . 11.33 -13.91 -37.90
H31 PEG C . 11.21 -15.61 -41.21
H32 PEG C . 10.72 -16.29 -39.86
H41 PEG C . 13.45 -16.50 -40.67
H42 PEG C . 12.39 -17.57 -41.15
HO4 PEG C . 13.32 -17.27 -38.68
C1 EDO D . 9.77 -15.77 -23.56
O1 EDO D . 9.52 -15.45 -22.26
C2 EDO D . 10.16 -14.65 -24.39
O2 EDO D . 10.92 -15.03 -25.50
H11 EDO D . 8.97 -16.19 -23.94
H12 EDO D . 10.49 -16.42 -23.57
HO1 EDO D . 9.31 -16.15 -21.82
H21 EDO D . 10.68 -14.02 -23.84
H22 EDO D . 9.36 -14.19 -24.69
HO2 EDO D . 10.43 -15.44 -26.05
C1 EDO E . 15.62 2.26 -7.56
O1 EDO E . 16.23 2.74 -8.70
C2 EDO E . 15.21 0.86 -7.61
O2 EDO E . 15.59 0.16 -6.48
H11 EDO E . 14.83 2.81 -7.37
H12 EDO E . 16.25 2.38 -6.82
HO1 EDO E . 16.44 3.55 -8.57
H21 EDO E . 15.60 0.44 -8.40
H22 EDO E . 14.24 0.80 -7.68
HO2 EDO E . 16.42 0.01 -6.52
C1 EDO F . -8.08 -15.50 -30.35
O1 EDO F . -6.91 -14.74 -30.55
C2 EDO F . -8.08 -16.34 -29.16
O2 EDO F . -6.93 -17.09 -29.09
H11 EDO F . -8.22 -16.08 -31.13
H12 EDO F . -8.85 -14.90 -30.30
HO1 EDO F . -6.97 -14.32 -31.23
H21 EDO F . -8.85 -16.94 -29.18
H22 EDO F . -8.16 -15.77 -28.38
HO2 EDO F . -6.96 -17.70 -29.69
C1 EDO G . -10.43 -23.03 -1.45
O1 EDO G . -9.58 -22.15 -0.73
C2 EDO G . -11.69 -22.37 -1.83
O2 EDO G . -12.59 -23.19 -2.51
H11 EDO G . -10.63 -23.81 -0.89
H12 EDO G . -9.97 -23.34 -2.27
HO1 EDO G . -8.87 -22.56 -0.52
H21 EDO G . -11.48 -21.59 -2.39
H22 EDO G . -12.13 -22.04 -1.01
HO2 EDO G . -12.68 -22.74 -3.65
C1 EDO H . -3.19 -21.27 1.78
O1 EDO H . -3.24 -19.86 1.97
C2 EDO H . -4.48 -22.02 2.00
O2 EDO H . -5.60 -21.48 1.32
H11 EDO H . -2.51 -21.63 2.39
H12 EDO H . -2.89 -21.44 0.86
HO1 EDO H . -2.48 -19.53 1.82
H21 EDO H . -4.68 -22.02 2.96
H22 EDO H . -4.36 -22.95 1.71
HO2 EDO H . -5.44 -21.45 0.48
C1 EDO I . -8.82 -10.64 -23.21
O1 EDO I . -9.01 -9.73 -22.14
C2 EDO I . -7.50 -10.45 -23.84
O2 EDO I . -7.45 -9.52 -24.92
H11 EDO I . -9.53 -10.51 -23.89
H12 EDO I . -8.90 -11.56 -22.88
HO1 EDO I . -9.79 -9.86 -21.80
H21 EDO I . -7.19 -11.30 -24.17
H22 EDO I . -6.87 -10.16 -23.14
HO2 EDO I . -7.80 -8.78 -24.67
C1 EDO J . 4.31 -2.71 -18.96
C1 EDO J . 4.19 -2.87 -19.05
O1 EDO J . 4.63 -4.13 -19.05
O1 EDO J . 5.33 -2.09 -18.75
C2 EDO J . 3.12 -2.32 -19.76
C2 EDO J . 3.05 -2.38 -19.88
O2 EDO J . 2.12 -1.60 -19.10
O2 EDO J . 2.02 -1.74 -19.17
H11 EDO J . 5.08 -2.18 -19.26
H11 EDO J . 3.81 -3.16 -18.20
H12 EDO J . 4.14 -2.48 -18.03
H12 EDO J . 4.50 -3.67 -19.50
HO1 EDO J . 5.32 -4.31 -18.57
HO1 EDO J . 6.03 -2.90 -18.13
H21 EDO J . 2.71 -3.14 -20.11
H21 EDO J . 2.67 -3.13 -20.36
H22 EDO J . 3.41 -1.80 -20.52
H22 EDO J . 3.39 -1.75 -20.54
HO2 EDO J . 2.41 -0.83 -18.91
HO2 EDO J . 1.75 -2.25 -18.56
C1 EDO K . 6.21 -33.23 -8.64
O1 EDO K . 6.98 -32.53 -9.60
C2 EDO K . 7.00 -34.23 -7.93
O2 EDO K . 7.87 -33.57 -7.07
H11 EDO K . 5.45 -33.66 -9.08
H12 EDO K . 5.85 -32.59 -7.99
HO1 EDO K . 6.50 -31.98 -9.99
H21 EDO K . 7.50 -34.78 -8.58
H22 EDO K . 6.40 -34.82 -7.43
HO2 EDO K . 8.55 -33.30 -7.51
C1 EDO L . -14.39 -15.97 16.46
O1 EDO L . -14.60 -14.82 17.23
C2 EDO L . -15.36 -16.09 15.38
O2 EDO L . -15.16 -17.24 14.62
H11 EDO L . -14.46 -16.76 17.04
H12 EDO L . -13.48 -15.95 16.08
HO1 EDO L . -14.01 -14.80 17.84
H21 EDO L . -15.28 -15.30 14.80
H22 EDO L . -16.25 -16.12 15.76
HO2 EDO L . -14.34 -17.41 14.55
C1 EDO M . 4.88 3.85 -15.36
O1 EDO M . 5.03 2.47 -15.54
C2 EDO M . 3.55 4.32 -15.76
O2 EDO M . 3.18 5.55 -15.15
H11 EDO M . 5.55 4.31 -15.89
H12 EDO M . 5.02 4.07 -14.42
HO1 EDO M . 5.81 2.24 -15.31
H21 EDO M . 2.89 3.64 -15.54
H22 EDO M . 3.55 4.44 -16.73
HO2 EDO M . 3.68 6.17 -15.44
S SCN N . 3.31 -6.00 6.71
C SCN N . 2.57 -7.11 5.91
N SCN N . 2.05 -7.96 5.35
K K O . -12.25 -8.31 -2.46
K K P . 6.25 -6.54 -19.38
C1 EDO Q . 25.22 -8.35 6.23
O1 EDO Q . 25.52 -7.17 5.68
C2 EDO Q . 24.96 -9.27 5.10
O2 EDO Q . 26.04 -9.81 4.38
H11 EDO Q . 24.42 -8.27 6.79
H12 EDO Q . 25.97 -8.68 6.77
HO1 EDO Q . 25.68 -6.59 6.27
H21 EDO Q . 24.39 -8.79 4.47
H22 EDO Q . 24.43 -10.01 5.45
HO2 EDO Q . 26.59 -9.20 4.20
C1 EDO R . 2.32 29.48 17.90
C1 EDO R . 2.32 29.33 17.89
O1 EDO R . 2.48 28.80 19.12
O1 EDO R . 3.15 29.25 16.75
C2 EDO R . 0.92 29.90 17.74
C2 EDO R . 0.92 29.76 17.71
O2 EDO R . 0.77 30.94 16.81
O2 EDO R . 0.74 30.80 16.79
H11 EDO R . 2.56 28.88 17.16
H11 EDO R . 2.74 29.95 18.52
H12 EDO R . 2.89 30.27 17.88
H12 EDO R . 2.31 28.45 18.33
HO1 EDO R . 3.27 28.56 19.17
HO1 EDO R . 3.96 28.98 16.98
H21 EDO R . 0.58 30.19 18.61
H21 EDO R . 0.58 30.05 18.58
H22 EDO R . 0.38 29.13 17.45
H22 EDO R . 0.39 28.98 17.43
HO2 EDO R . 1.51 31.37 16.75
HO2 EDO R . 1.41 31.31 16.82
C1 EDO S . 1.14 25.70 10.71
O1 EDO S . 0.09 26.63 10.95
C2 EDO S . 1.39 24.77 11.85
O2 EDO S . 2.78 24.57 12.15
H11 EDO S . 1.96 26.20 10.53
H12 EDO S . 0.92 25.18 9.91
HO1 EDO S . -0.01 27.12 10.26
H21 EDO S . 1.00 23.90 11.64
H22 EDO S . 0.95 25.11 12.65
HO2 EDO S . 3.16 24.22 11.48
C1 EDO T . 8.63 17.62 -11.60
O1 EDO T . 7.95 18.65 -12.24
C2 EDO T . 8.03 17.32 -10.31
O2 EDO T . 8.19 18.40 -9.47
H11 EDO T . 9.57 17.88 -11.46
H12 EDO T . 8.62 16.82 -12.15
HO1 EDO T . 8.33 18.81 -12.98
H21 EDO T . 8.46 16.54 -9.92
H22 EDO T . 7.07 17.14 -10.42
HO2 EDO T . 7.60 18.98 -9.64
C1 EDO U . -15.60 1.49 7.71
O1 EDO U . -16.13 1.37 9.01
C2 EDO U . -15.66 0.31 6.79
O2 EDO U . -16.85 0.28 5.96
H11 EDO U . -14.66 1.75 7.80
H12 EDO U . -16.07 2.23 7.28
HO1 EDO U . -16.06 2.09 9.44
H21 EDO U . -15.63 -0.51 7.32
H22 EDO U . -14.87 0.32 6.20
HO2 EDO U . -16.83 0.92 5.42
C1 EDO V . -4.08 3.93 -1.58
O1 EDO V . -5.50 3.72 -1.47
C2 EDO V . -3.64 4.89 -2.61
O2 EDO V . -2.24 5.14 -2.73
H11 EDO V . -3.64 3.07 -1.73
H12 EDO V . -3.77 4.27 -0.73
HO1 EDO V . -5.64 3.14 -0.83
H21 EDO V . -4.08 5.74 -2.41
H22 EDO V . -3.97 4.59 -3.47
HO2 EDO V . -1.90 5.19 -1.96
C1 EDO W . -1.22 31.20 31.59
O1 EDO W . -0.60 31.71 32.76
C2 EDO W . -2.47 31.92 31.28
O2 EDO W . -3.45 31.14 30.59
H11 EDO W . -1.40 30.24 31.71
H12 EDO W . -0.59 31.30 30.84
HO1 EDO W . 0.12 31.26 32.90
H21 EDO W . -2.27 32.71 30.74
H22 EDO W . -2.87 32.23 32.12
HO2 EDO W . -3.70 30.51 31.08
C1 EDO X . -6.84 3.92 18.77
O1 EDO X . -5.54 3.68 18.29
C2 EDO X . -7.79 2.81 18.42
O2 EDO X . -7.48 1.55 19.03
H11 EDO X . -7.18 4.76 18.40
H12 EDO X . -6.81 4.01 19.74
HO1 EDO X . -5.03 4.31 18.52
H21 EDO X . -7.77 2.70 17.44
H22 EDO X . -8.70 3.09 18.67
HO2 EDO X . -7.46 1.64 19.86
C1 EDO Y . 13.35 5.73 -6.60
O1 EDO Y . 12.36 4.68 -6.62
C2 EDO Y . 13.71 6.15 -7.97
O2 EDO Y . 14.60 5.20 -8.53
H11 EDO Y . 14.14 5.42 -6.13
H12 EDO Y . 12.99 6.51 -6.12
HO1 EDO Y . 12.17 4.46 -5.84
H21 EDO Y . 14.15 7.02 -7.93
H22 EDO Y . 12.91 6.21 -8.51
HO2 EDO Y . 15.37 5.29 -8.20
C1 EDO Z . -17.30 30.54 26.75
O1 EDO Z . -18.66 30.59 26.96
C2 EDO Z . -16.96 29.70 25.57
O2 EDO Z . -17.50 30.18 24.37
H11 EDO Z . -16.87 30.19 27.55
H12 EDO Z . -16.98 31.46 26.60
HO1 EDO Z . -18.82 31.05 27.63
H21 EDO Z . -17.27 28.79 25.72
H22 EDO Z . -15.98 29.66 25.48
HO2 EDO Z . -18.34 30.14 24.40
#